data_7ROR
#
_entry.id   7ROR
#
_cell.length_a   137.612
_cell.length_b   46.597
_cell.length_c   141.402
_cell.angle_alpha   90.000
_cell.angle_beta   93.806
_cell.angle_gamma   90.000
#
_symmetry.space_group_name_H-M   'C 1 2 1'
#
loop_
_entity.id
_entity.type
_entity.pdbx_description
1 polymer 'Tyrosine--tRNA ligase'
2 non-polymer "5'-O-[(S)-{[(2S)-2-amino-3-(4-hydroxyphenyl)propanoyl]oxy}(hydroxy)phosphoryl]adenosine"
3 non-polymer 'MALONATE ION'
4 non-polymer 'CHLORIDE ION'
5 non-polymer 'MAGNESIUM ION'
6 water water
#
_entity_poly.entity_id   1
_entity_poly.type   'polypeptide(L)'
_entity_poly.pdbx_seq_one_letter_code
;GMETTDTKREEQEIEEKKAQEESKIEDVDKILNDILSISSECIQPDELRVKLLLKRKLICYDGFEPSGRMHIAQGLLKSI
IVNKLTSNGCTFIFWIADWFAHLNNKMSGDLKKIKKVGSYFIEVWKSCGMNMENVQFLWASEEINKKPNEYWSLVLDISR
SFNINRMKRCLKIMGRSEGEENYCSQILYPCMQCADIFFLNVDICQLGIDQRKVNMLAREYCDIKKIKKKPVILSHGMLP
GLLEGQEKMSKSDENSAIFMDDSESDVNRKIKKAYCPPNVIENNPIYAYAKSIIFPSYNEFNLVRKEKNGGDKTYYTLQE
LEHDYVNGFIHPLDLKDNVAMYINKLLQPVRDHFQNNIEAKNLLNEIKKYKVTK
;
_entity_poly.pdbx_strand_id   A,B
#
# COMPACT_ATOMS: atom_id res chain seq x y z
N ALA A 19 52.02 7.80 -14.24
CA ALA A 19 51.13 7.32 -13.19
C ALA A 19 50.40 8.47 -12.48
N GLN A 20 49.14 8.68 -12.86
CA GLN A 20 48.30 9.69 -12.23
C GLN A 20 47.12 9.11 -11.46
N GLU A 21 46.84 7.81 -11.57
CA GLU A 21 45.88 7.18 -10.67
C GLU A 21 46.38 7.16 -9.24
N GLU A 22 47.70 7.27 -9.05
CA GLU A 22 48.29 7.50 -7.74
C GLU A 22 47.61 8.67 -7.04
N SER A 23 47.52 9.81 -7.72
CA SER A 23 46.79 10.95 -7.17
C SER A 23 45.33 10.60 -6.90
N LYS A 24 44.68 9.92 -7.85
CA LYS A 24 43.28 9.53 -7.70
C LYS A 24 43.06 8.79 -6.40
N ILE A 25 43.92 7.80 -6.13
CA ILE A 25 43.77 6.96 -4.94
C ILE A 25 44.05 7.76 -3.68
N GLU A 26 45.12 8.57 -3.66
CA GLU A 26 45.39 9.39 -2.48
C GLU A 26 44.22 10.30 -2.19
N ASP A 27 43.66 10.92 -3.24
CA ASP A 27 42.52 11.81 -3.04
C ASP A 27 41.39 11.07 -2.36
N VAL A 28 40.96 9.95 -2.97
CA VAL A 28 39.79 9.22 -2.49
C VAL A 28 39.97 8.79 -1.05
N ASP A 29 41.17 8.29 -0.72
CA ASP A 29 41.47 7.89 0.65
C ASP A 29 41.31 9.06 1.62
N LYS A 30 41.74 10.25 1.23
CA LYS A 30 41.55 11.41 2.08
C LYS A 30 40.07 11.75 2.20
N ILE A 31 39.36 11.82 1.06
CA ILE A 31 37.91 12.00 1.04
C ILE A 31 37.26 11.08 2.06
N LEU A 32 37.55 9.77 1.93
CA LEU A 32 36.83 8.78 2.70
C LEU A 32 37.05 8.98 4.19
N ASN A 33 38.29 9.33 4.57
CA ASN A 33 38.62 9.54 5.98
C ASN A 33 37.84 10.70 6.58
N ASP A 34 37.76 11.82 5.84
CA ASP A 34 36.98 12.97 6.31
C ASP A 34 35.52 12.59 6.49
N ILE A 35 34.95 11.92 5.48
CA ILE A 35 33.54 11.55 5.49
C ILE A 35 33.22 10.67 6.70
N LEU A 36 34.03 9.63 6.92
CA LEU A 36 33.80 8.73 8.05
C LEU A 36 33.89 9.45 9.39
N SER A 37 34.71 10.48 9.49
CA SER A 37 34.83 11.22 10.75
C SER A 37 33.52 11.94 11.07
N ILE A 38 33.00 12.72 10.11
CA ILE A 38 31.75 13.43 10.32
C ILE A 38 30.58 12.46 10.42
N SER A 39 30.60 11.40 9.63
CA SER A 39 29.54 10.41 9.69
C SER A 39 29.59 9.62 10.99
N SER A 40 28.44 9.09 11.39
CA SER A 40 28.32 8.23 12.55
C SER A 40 28.53 6.75 12.23
N GLU A 41 28.26 6.33 11.00
CA GLU A 41 28.41 4.94 10.61
C GLU A 41 28.32 4.86 9.09
N CYS A 42 29.14 4.02 8.48
CA CYS A 42 29.09 3.86 7.03
C CYS A 42 28.99 2.38 6.73
N ILE A 43 27.88 1.98 6.13
CA ILE A 43 27.70 0.57 5.86
C ILE A 43 28.49 0.26 4.60
N GLN A 44 29.75 -0.07 4.85
CA GLN A 44 30.89 -0.55 4.08
C GLN A 44 31.66 0.63 3.51
N PRO A 45 32.64 1.08 4.27
CA PRO A 45 33.68 1.94 3.70
C PRO A 45 34.16 1.43 2.36
N ASP A 46 34.40 0.11 2.22
CA ASP A 46 34.98 -0.43 0.99
C ASP A 46 34.02 -0.28 -0.18
N GLU A 47 32.73 -0.35 0.06
CA GLU A 47 31.80 -0.04 -1.02
C GLU A 47 31.81 1.45 -1.31
N LEU A 48 31.91 2.27 -0.25
CA LEU A 48 31.93 3.71 -0.44
C LEU A 48 33.19 4.12 -1.18
N ARG A 49 34.28 3.41 -0.90
CA ARG A 49 35.52 3.64 -1.62
C ARG A 49 35.34 3.30 -3.09
N VAL A 50 34.71 2.16 -3.38
CA VAL A 50 34.45 1.78 -4.76
C VAL A 50 33.56 2.82 -5.44
N LYS A 51 32.57 3.33 -4.70
CA LYS A 51 31.70 4.35 -5.26
C LYS A 51 32.50 5.59 -5.62
N LEU A 52 33.26 6.11 -4.66
CA LEU A 52 34.04 7.34 -4.86
C LEU A 52 35.02 7.19 -6.02
N LEU A 53 35.33 5.96 -6.43
CA LEU A 53 36.20 5.70 -7.57
C LEU A 53 35.40 5.36 -8.83
N LEU A 54 34.21 5.93 -8.99
CA LEU A 54 33.49 5.87 -10.26
C LEU A 54 33.57 7.24 -10.90
N LYS A 55 33.94 7.27 -12.18
CA LYS A 55 34.14 8.54 -12.88
C LYS A 55 32.81 9.23 -13.18
N ARG A 56 31.84 9.12 -12.28
CA ARG A 56 30.54 9.76 -12.43
C ARG A 56 30.22 10.55 -11.17
N LYS A 57 29.09 11.26 -11.20
CA LYS A 57 28.60 11.95 -10.01
C LYS A 57 27.76 10.96 -9.22
N LEU A 58 28.09 10.79 -7.93
CA LEU A 58 27.26 9.95 -7.07
C LEU A 58 26.02 10.71 -6.66
N ILE A 59 24.94 9.95 -6.45
CA ILE A 59 23.67 10.49 -6.01
C ILE A 59 23.51 10.19 -4.52
N CYS A 60 23.40 11.26 -3.72
CA CYS A 60 23.17 11.19 -2.30
C CYS A 60 21.78 11.72 -2.01
N TYR A 61 21.14 11.24 -0.93
CA TYR A 61 19.90 11.93 -0.57
C TYR A 61 19.64 11.88 0.92
N ASP A 62 18.78 12.80 1.33
CA ASP A 62 18.16 12.78 2.65
C ASP A 62 16.71 13.17 2.39
N GLY A 63 15.83 12.76 3.28
CA GLY A 63 14.44 13.04 3.12
C GLY A 63 13.85 13.58 4.40
N PHE A 64 12.83 14.44 4.25
CA PHE A 64 12.21 15.21 5.33
C PHE A 64 10.70 15.22 5.22
N GLU A 65 10.02 14.86 6.30
CA GLU A 65 8.59 15.10 6.37
C GLU A 65 8.34 16.57 6.63
N PRO A 66 7.56 17.27 5.79
CA PRO A 66 7.22 18.65 6.14
C PRO A 66 6.14 18.68 7.22
N SER A 67 6.55 18.54 8.47
CA SER A 67 5.65 18.29 9.59
C SER A 67 5.66 19.41 10.64
N GLY A 68 6.37 20.51 10.38
CA GLY A 68 6.50 21.60 11.33
C GLY A 68 7.73 22.41 10.96
N ARG A 69 8.05 23.38 11.82
CA ARG A 69 9.28 24.15 11.63
C ARG A 69 10.52 23.24 11.62
N MET A 70 11.54 23.67 10.87
CA MET A 70 12.78 22.91 10.73
C MET A 70 13.69 23.20 11.92
N HIS A 71 14.26 22.17 12.53
CA HIS A 71 15.15 22.44 13.65
C HIS A 71 16.61 22.42 13.18
N ILE A 72 17.50 22.84 14.08
CA ILE A 72 18.84 23.14 13.55
C ILE A 72 19.58 21.92 13.05
N ALA A 73 19.17 20.70 13.45
CA ALA A 73 19.89 19.55 12.91
C ALA A 73 19.67 19.46 11.40
N GLN A 74 18.51 19.92 10.94
CA GLN A 74 18.10 19.72 9.56
C GLN A 74 18.54 20.85 8.65
N GLY A 75 19.06 21.94 9.21
CA GLY A 75 19.65 23.01 8.43
C GLY A 75 21.15 23.18 8.70
N LEU A 76 21.49 23.69 9.89
CA LEU A 76 22.89 24.00 10.20
C LEU A 76 23.76 22.76 10.16
N LEU A 77 23.31 21.67 10.83
CA LEU A 77 24.11 20.44 10.79
C LEU A 77 24.10 19.82 9.39
N LYS A 78 22.93 19.78 8.76
CA LYS A 78 22.81 19.20 7.43
C LYS A 78 23.78 19.82 6.45
N SER A 79 23.96 21.14 6.54
CA SER A 79 24.76 21.89 5.59
C SER A 79 26.22 21.42 5.58
N ILE A 80 26.73 21.00 6.73
CA ILE A 80 28.14 20.63 6.84
C ILE A 80 28.44 19.39 5.99
N ILE A 81 27.65 18.32 6.16
CA ILE A 81 27.90 17.11 5.38
C ILE A 81 27.47 17.30 3.93
N VAL A 82 26.40 18.06 3.65
CA VAL A 82 26.01 18.23 2.24
C VAL A 82 27.14 18.90 1.47
N ASN A 83 27.69 19.98 2.01
CA ASN A 83 28.72 20.72 1.25
C ASN A 83 30.00 19.90 1.08
N LYS A 84 30.32 19.05 2.05
CA LYS A 84 31.45 18.14 1.90
C LYS A 84 31.25 17.17 0.75
N LEU A 85 30.01 16.67 0.56
CA LEU A 85 29.78 15.71 -0.51
C LEU A 85 29.68 16.39 -1.87
N THR A 86 28.90 17.47 -1.96
CA THR A 86 28.74 18.12 -3.26
C THR A 86 30.07 18.68 -3.78
N SER A 87 30.89 19.22 -2.89
CA SER A 87 32.13 19.84 -3.35
C SER A 87 33.04 18.84 -4.03
N ASN A 88 32.80 17.55 -3.80
CA ASN A 88 33.55 16.48 -4.45
C ASN A 88 32.90 16.01 -5.74
N GLY A 89 31.80 16.62 -6.16
CA GLY A 89 31.16 16.25 -7.41
C GLY A 89 29.83 15.54 -7.23
N CYS A 90 29.43 15.21 -6.01
CA CYS A 90 28.15 14.52 -5.80
C CYS A 90 26.97 15.45 -6.02
N THR A 91 25.84 14.86 -6.39
CA THR A 91 24.53 15.50 -6.34
C THR A 91 23.91 15.14 -5.01
N PHE A 92 23.21 16.08 -4.38
CA PHE A 92 22.53 15.79 -3.13
C PHE A 92 21.06 16.15 -3.27
N ILE A 93 20.19 15.13 -3.18
CA ILE A 93 18.76 15.33 -3.34
C ILE A 93 18.16 15.56 -1.95
N PHE A 94 17.40 16.65 -1.81
CA PHE A 94 16.58 16.86 -0.64
C PHE A 94 15.18 16.38 -1.04
N TRP A 95 14.74 15.26 -0.47
CA TRP A 95 13.47 14.64 -0.82
C TRP A 95 12.43 15.24 0.11
N ILE A 96 11.53 16.05 -0.47
CA ILE A 96 10.52 16.73 0.31
C ILE A 96 9.36 15.73 0.40
N ALA A 97 9.29 15.01 1.51
CA ALA A 97 8.47 13.80 1.63
C ALA A 97 7.03 14.18 2.03
N ASP A 98 6.39 14.94 1.14
CA ASP A 98 5.05 15.47 1.48
C ASP A 98 4.01 14.35 1.67
N TRP A 99 4.00 13.37 0.78
CA TRP A 99 2.99 12.30 0.94
C TRP A 99 3.26 11.47 2.18
N PHE A 100 4.53 11.33 2.56
CA PHE A 100 4.92 10.62 3.78
C PHE A 100 4.44 11.33 5.03
N ALA A 101 4.60 12.65 5.10
CA ALA A 101 4.03 13.41 6.21
C ALA A 101 2.51 13.20 6.31
N HIS A 102 1.80 13.24 5.19
CA HIS A 102 0.34 13.02 5.22
C HIS A 102 0.03 11.60 5.70
N LEU A 103 0.78 10.61 5.20
CA LEU A 103 0.55 9.22 5.61
C LEU A 103 0.80 9.05 7.10
N ASN A 104 1.75 9.83 7.63
CA ASN A 104 2.15 9.79 9.04
C ASN A 104 1.35 10.79 9.88
N ASN A 105 0.24 11.31 9.36
CA ASN A 105 -0.72 12.12 10.13
C ASN A 105 -0.15 13.46 10.59
N LYS A 106 0.80 14.03 9.87
CA LYS A 106 1.37 15.30 10.27
C LYS A 106 0.53 16.44 9.72
N MET A 107 0.68 17.63 10.35
CA MET A 107 -0.01 18.85 9.94
C MET A 107 -1.50 18.62 9.72
N SER A 108 -2.11 17.82 10.61
CA SER A 108 -3.52 17.46 10.54
C SER A 108 -3.89 16.75 9.24
N GLY A 109 -2.94 16.11 8.57
CA GLY A 109 -3.17 15.48 7.27
C GLY A 109 -3.68 16.42 6.21
N ASP A 110 -3.37 17.70 6.32
CA ASP A 110 -3.72 18.72 5.34
C ASP A 110 -2.54 18.82 4.37
N LEU A 111 -2.69 18.22 3.20
CA LEU A 111 -1.63 18.28 2.21
C LEU A 111 -1.31 19.73 1.83
N LYS A 112 -2.29 20.63 1.90
CA LYS A 112 -1.96 22.02 1.57
C LYS A 112 -0.98 22.63 2.58
N LYS A 113 -1.18 22.36 3.87
CA LYS A 113 -0.25 22.89 4.86
C LYS A 113 1.13 22.23 4.69
N ILE A 114 1.14 20.92 4.43
CA ILE A 114 2.39 20.18 4.23
C ILE A 114 3.19 20.80 3.10
N LYS A 115 2.51 21.17 2.01
CA LYS A 115 3.23 21.77 0.89
C LYS A 115 3.79 23.14 1.26
N LYS A 116 3.01 23.97 1.98
CA LYS A 116 3.53 25.25 2.44
C LYS A 116 4.76 25.05 3.32
N VAL A 117 4.71 24.08 4.25
CA VAL A 117 5.91 23.77 5.04
C VAL A 117 7.04 23.37 4.12
N GLY A 118 6.77 22.49 3.15
CA GLY A 118 7.83 22.10 2.21
C GLY A 118 8.47 23.29 1.51
N SER A 119 7.65 24.25 1.06
CA SER A 119 8.18 25.46 0.45
C SER A 119 9.07 26.24 1.42
N TYR A 120 8.64 26.36 2.68
CA TYR A 120 9.47 27.07 3.65
C TYR A 120 10.80 26.33 3.90
N PHE A 121 10.78 25.00 3.85
CA PHE A 121 12.04 24.25 3.95
C PHE A 121 13.02 24.65 2.88
N ILE A 122 12.56 24.77 1.63
CA ILE A 122 13.47 25.15 0.55
C ILE A 122 14.07 26.53 0.80
N GLU A 123 13.26 27.47 1.31
CA GLU A 123 13.75 28.82 1.62
C GLU A 123 14.80 28.78 2.72
N VAL A 124 14.57 27.98 3.75
CA VAL A 124 15.60 27.82 4.79
C VAL A 124 16.86 27.23 4.18
N TRP A 125 16.73 26.11 3.45
CA TRP A 125 17.92 25.43 2.95
C TRP A 125 18.71 26.33 2.02
N LYS A 126 18.02 27.09 1.15
CA LYS A 126 18.75 27.97 0.24
C LYS A 126 19.51 29.09 0.96
N SER A 127 19.07 29.51 2.15
CA SER A 127 19.80 30.58 2.83
C SER A 127 20.76 30.08 3.91
N CYS A 128 20.82 28.78 4.16
CA CYS A 128 21.81 28.31 5.13
C CYS A 128 22.89 27.45 4.47
N GLY A 129 23.10 27.57 3.17
CA GLY A 129 24.24 26.90 2.57
C GLY A 129 23.95 25.94 1.45
N MET A 130 22.71 25.86 0.99
CA MET A 130 22.33 24.92 -0.04
C MET A 130 21.68 25.61 -1.23
N ASN A 131 22.06 26.83 -1.53
CA ASN A 131 21.66 27.39 -2.82
C ASN A 131 22.79 27.04 -3.79
N MET A 132 22.68 25.89 -4.44
CA MET A 132 23.79 25.48 -5.30
C MET A 132 23.32 24.51 -6.40
N GLU A 133 24.12 24.47 -7.47
CA GLU A 133 23.81 23.64 -8.63
C GLU A 133 23.65 22.17 -8.26
N ASN A 134 24.49 21.66 -7.38
CA ASN A 134 24.55 20.23 -7.13
C ASN A 134 23.53 19.78 -6.08
N VAL A 135 22.62 20.66 -5.65
CA VAL A 135 21.56 20.27 -4.72
C VAL A 135 20.23 20.34 -5.46
N GLN A 136 19.43 19.29 -5.34
CA GLN A 136 18.13 19.23 -5.99
C GLN A 136 17.04 19.13 -4.93
N PHE A 137 15.99 19.93 -5.08
CA PHE A 137 14.85 19.88 -4.17
C PHE A 137 13.74 19.17 -4.93
N LEU A 138 13.51 17.91 -4.59
CA LEU A 138 12.50 17.09 -5.26
C LEU A 138 11.32 16.81 -4.35
N TRP A 139 10.10 16.87 -4.90
CA TRP A 139 8.89 16.63 -4.14
C TRP A 139 8.40 15.19 -4.37
N ALA A 140 8.17 14.47 -3.28
CA ALA A 140 7.77 13.06 -3.39
C ALA A 140 6.52 12.90 -4.24
N SER A 141 5.48 13.68 -3.93
CA SER A 141 4.23 13.57 -4.70
C SER A 141 4.50 13.78 -6.18
N GLU A 142 5.24 14.84 -6.51
CA GLU A 142 5.51 15.18 -7.90
C GLU A 142 6.27 14.08 -8.61
N GLU A 143 7.33 13.59 -7.99
CA GLU A 143 8.19 12.62 -8.66
C GLU A 143 7.50 11.25 -8.80
N ILE A 144 6.77 10.84 -7.77
CA ILE A 144 6.06 9.56 -7.87
C ILE A 144 5.06 9.63 -9.01
N ASN A 145 4.38 10.78 -9.15
CA ASN A 145 3.34 10.87 -10.17
C ASN A 145 3.87 11.12 -11.58
N LYS A 146 5.18 11.34 -11.75
CA LYS A 146 5.73 11.25 -13.10
C LYS A 146 5.90 9.80 -13.55
N LYS A 147 6.21 8.87 -12.64
CA LYS A 147 6.44 7.47 -13.02
C LYS A 147 5.72 6.55 -12.05
N PRO A 148 4.39 6.64 -12.01
CA PRO A 148 3.63 5.91 -10.97
C PRO A 148 3.61 4.41 -11.19
N ASN A 149 3.67 3.95 -12.44
CA ASN A 149 3.70 2.50 -12.61
C ASN A 149 5.02 1.95 -12.07
N GLU A 150 6.13 2.58 -12.46
CA GLU A 150 7.43 2.18 -11.92
C GLU A 150 7.46 2.25 -10.39
N TYR A 151 7.00 3.37 -9.82
CA TYR A 151 7.11 3.54 -8.37
C TYR A 151 6.28 2.50 -7.62
N TRP A 152 4.98 2.40 -7.95
CA TRP A 152 4.15 1.50 -7.16
C TRP A 152 4.46 0.03 -7.44
N SER A 153 4.94 -0.31 -8.63
CA SER A 153 5.40 -1.68 -8.84
C SER A 153 6.53 -2.02 -7.88
N LEU A 154 7.45 -1.09 -7.65
CA LEU A 154 8.53 -1.34 -6.68
C LEU A 154 7.97 -1.53 -5.29
N VAL A 155 7.12 -0.60 -4.85
CA VAL A 155 6.53 -0.68 -3.52
C VAL A 155 5.89 -2.05 -3.33
N LEU A 156 5.13 -2.49 -4.33
CA LEU A 156 4.45 -3.78 -4.21
C LEU A 156 5.45 -4.93 -4.16
N ASP A 157 6.50 -4.88 -4.99
N ASP A 157 6.50 -4.87 -4.98
CA ASP A 157 7.43 -6.00 -4.99
CA ASP A 157 7.44 -5.99 -4.98
C ASP A 157 8.25 -6.04 -3.69
C ASP A 157 8.24 -6.04 -3.69
N ILE A 158 8.53 -4.87 -3.11
CA ILE A 158 9.16 -4.81 -1.78
C ILE A 158 8.25 -5.44 -0.73
N SER A 159 6.95 -5.10 -0.77
CA SER A 159 6.01 -5.68 0.20
C SER A 159 5.95 -7.20 0.09
N ARG A 160 6.13 -7.76 -1.10
CA ARG A 160 6.09 -9.21 -1.24
C ARG A 160 7.29 -9.89 -0.64
N SER A 161 8.38 -9.15 -0.44
CA SER A 161 9.67 -9.67 -0.09
C SER A 161 9.91 -9.77 1.41
N PHE A 162 9.11 -9.11 2.24
CA PHE A 162 9.39 -9.01 3.67
C PHE A 162 8.13 -9.30 4.48
N ASN A 163 8.28 -10.01 5.59
CA ASN A 163 7.08 -10.27 6.37
C ASN A 163 6.82 -9.10 7.32
N ILE A 164 5.65 -9.15 7.96
CA ILE A 164 5.17 -8.01 8.75
C ILE A 164 6.11 -7.71 9.91
N ASN A 165 6.61 -8.75 10.60
CA ASN A 165 7.48 -8.52 11.75
C ASN A 165 8.76 -7.81 11.34
N ARG A 166 9.36 -8.24 10.22
CA ARG A 166 10.56 -7.58 9.73
C ARG A 166 10.30 -6.11 9.46
N MET A 167 9.14 -5.81 8.88
CA MET A 167 8.85 -4.44 8.48
C MET A 167 8.55 -3.57 9.70
N LYS A 168 7.94 -4.16 10.74
CA LYS A 168 7.69 -3.40 11.96
C LYS A 168 8.98 -3.07 12.69
N ARG A 169 10.08 -3.76 12.34
CA ARG A 169 11.37 -3.27 12.84
C ARG A 169 11.74 -1.92 12.28
N CYS A 170 11.03 -1.38 11.29
CA CYS A 170 11.36 -0.04 10.80
C CYS A 170 10.53 1.05 11.42
N LEU A 171 9.71 0.74 12.43
CA LEU A 171 8.79 1.75 12.97
C LEU A 171 9.49 3.04 13.35
N LYS A 172 10.76 2.97 13.82
CA LYS A 172 11.48 4.16 14.24
C LYS A 172 11.64 5.20 13.13
N ILE A 173 11.66 4.79 11.86
CA ILE A 173 11.87 5.78 10.80
C ILE A 173 10.71 6.76 10.69
N MET A 174 9.53 6.42 11.23
CA MET A 174 8.38 7.31 11.27
C MET A 174 8.20 7.94 12.64
N GLY A 175 9.13 7.70 13.58
CA GLY A 175 8.93 8.13 14.94
C GLY A 175 7.91 7.32 15.73
N ARG A 176 7.59 6.10 15.30
CA ARG A 176 6.57 5.27 15.91
C ARG A 176 7.21 4.11 16.65
N SER A 177 6.42 3.44 17.48
CA SER A 177 6.93 2.32 18.26
C SER A 177 5.93 1.16 18.24
N GLU A 178 6.44 -0.02 18.60
CA GLU A 178 5.54 -1.16 18.77
C GLU A 178 4.53 -0.92 19.87
N GLY A 179 4.80 0.06 20.74
CA GLY A 179 3.94 0.26 21.90
C GLY A 179 2.56 0.77 21.54
N GLU A 180 2.49 1.69 20.59
CA GLU A 180 1.25 2.35 20.21
C GLU A 180 0.45 1.48 19.23
N GLU A 181 -0.73 1.97 18.85
CA GLU A 181 -1.55 1.25 17.89
C GLU A 181 -0.88 1.35 16.52
N ASN A 182 -0.62 0.21 15.91
CA ASN A 182 0.10 0.12 14.65
C ASN A 182 -0.91 0.04 13.49
N TYR A 183 -1.04 1.15 12.75
CA TYR A 183 -1.91 1.21 11.59
C TYR A 183 -1.19 0.64 10.39
N CYS A 184 -1.97 0.21 9.40
CA CYS A 184 -1.37 -0.34 8.19
C CYS A 184 -0.51 0.69 7.46
N SER A 185 -0.79 1.98 7.65
CA SER A 185 0.08 3.01 7.09
C SER A 185 1.52 2.82 7.56
N GLN A 186 1.71 2.23 8.72
CA GLN A 186 3.07 2.02 9.22
C GLN A 186 3.76 0.81 8.60
N ILE A 187 3.03 0.01 7.81
CA ILE A 187 3.62 -1.01 6.95
C ILE A 187 3.89 -0.43 5.57
N LEU A 188 2.94 0.34 5.05
CA LEU A 188 3.09 0.95 3.72
C LEU A 188 4.25 1.95 3.69
N TYR A 189 4.31 2.86 4.65
CA TYR A 189 5.34 3.91 4.67
C TYR A 189 6.76 3.37 4.50
N PRO A 190 7.23 2.42 5.30
CA PRO A 190 8.58 1.88 5.07
C PRO A 190 8.75 1.17 3.73
N CYS A 191 7.68 0.54 3.20
CA CYS A 191 7.78 -0.01 1.86
C CYS A 191 8.04 1.10 0.86
N MET A 192 7.37 2.24 1.04
CA MET A 192 7.56 3.39 0.17
C MET A 192 8.93 4.03 0.38
N GLN A 193 9.38 4.22 1.62
CA GLN A 193 10.71 4.82 1.81
C GLN A 193 11.80 3.93 1.21
N CYS A 194 11.67 2.61 1.38
CA CYS A 194 12.61 1.69 0.72
C CYS A 194 12.57 1.85 -0.79
N ALA A 195 11.36 1.90 -1.37
CA ALA A 195 11.24 2.10 -2.81
C ALA A 195 11.94 3.38 -3.28
N ASP A 196 11.84 4.48 -2.50
CA ASP A 196 12.48 5.74 -2.90
C ASP A 196 13.96 5.53 -3.25
N ILE A 197 14.65 4.73 -2.45
CA ILE A 197 16.09 4.54 -2.62
C ILE A 197 16.42 4.05 -4.02
N PHE A 198 15.61 3.11 -4.54
CA PHE A 198 15.80 2.59 -5.89
C PHE A 198 15.21 3.54 -6.92
N PHE A 199 14.02 4.08 -6.65
CA PHE A 199 13.35 4.99 -7.58
C PHE A 199 14.22 6.19 -7.92
N LEU A 200 14.93 6.73 -6.92
CA LEU A 200 15.81 7.88 -7.12
C LEU A 200 17.22 7.49 -7.57
N ASN A 201 17.47 6.20 -7.76
CA ASN A 201 18.80 5.72 -8.18
C ASN A 201 19.91 6.19 -7.25
N VAL A 202 19.67 6.05 -5.95
CA VAL A 202 20.55 6.62 -4.93
C VAL A 202 21.79 5.75 -4.78
N ASP A 203 22.95 6.39 -4.69
CA ASP A 203 24.22 5.73 -4.36
C ASP A 203 24.51 5.74 -2.86
N ILE A 204 24.20 6.85 -2.18
CA ILE A 204 24.49 7.06 -0.77
C ILE A 204 23.22 7.56 -0.09
N CYS A 205 22.69 6.75 0.83
CA CYS A 205 21.64 7.19 1.72
C CYS A 205 22.31 7.91 2.87
N GLN A 206 22.10 9.22 2.94
CA GLN A 206 22.77 10.10 3.90
C GLN A 206 21.69 10.72 4.79
N LEU A 207 21.18 9.91 5.71
CA LEU A 207 20.11 10.24 6.64
C LEU A 207 20.61 10.02 8.07
N GLY A 208 19.85 10.52 9.04
CA GLY A 208 20.16 10.24 10.42
C GLY A 208 20.14 8.76 10.74
N ILE A 209 20.83 8.44 11.85
CA ILE A 209 20.89 7.05 12.25
C ILE A 209 19.51 6.49 12.66
N ASP A 210 18.55 7.34 13.01
CA ASP A 210 17.21 6.83 13.33
C ASP A 210 16.49 6.24 12.11
N GLN A 211 17.03 6.46 10.92
CA GLN A 211 16.47 5.94 9.69
C GLN A 211 17.16 4.67 9.23
N ARG A 212 18.13 4.13 9.99
CA ARG A 212 18.98 3.10 9.40
C ARG A 212 18.24 1.80 9.14
N LYS A 213 17.19 1.47 9.93
CA LYS A 213 16.54 0.18 9.75
C LYS A 213 16.01 0.03 8.31
N VAL A 214 15.49 1.10 7.72
CA VAL A 214 14.94 0.91 6.39
C VAL A 214 16.03 0.99 5.34
N ASN A 215 17.13 1.70 5.61
CA ASN A 215 18.27 1.64 4.71
C ASN A 215 18.85 0.22 4.68
N MET A 216 18.91 -0.45 5.83
N MET A 216 18.89 -0.46 5.82
CA MET A 216 19.38 -1.84 5.85
CA MET A 216 19.39 -1.84 5.81
C MET A 216 18.42 -2.76 5.11
C MET A 216 18.41 -2.78 5.14
N LEU A 217 17.11 -2.47 5.20
CA LEU A 217 16.13 -3.26 4.48
C LEU A 217 16.37 -3.19 2.97
N ALA A 218 16.71 -2.00 2.47
CA ALA A 218 17.02 -1.85 1.05
C ALA A 218 18.19 -2.71 0.64
N ARG A 219 19.25 -2.77 1.46
CA ARG A 219 20.37 -3.62 1.10
C ARG A 219 19.98 -5.09 1.14
N GLU A 220 19.17 -5.46 2.12
CA GLU A 220 18.63 -6.81 2.16
C GLU A 220 17.79 -7.09 0.91
N TYR A 221 17.01 -6.09 0.46
CA TYR A 221 16.21 -6.29 -0.76
C TYR A 221 17.10 -6.57 -1.96
N CYS A 222 18.24 -5.86 -2.05
CA CYS A 222 19.18 -6.09 -3.15
C CYS A 222 19.65 -7.53 -3.17
N ASP A 223 20.03 -8.07 -2.01
CA ASP A 223 20.48 -9.45 -1.96
C ASP A 223 19.35 -10.39 -2.36
N ILE A 224 18.13 -10.11 -1.89
CA ILE A 224 17.00 -10.99 -2.25
C ILE A 224 16.79 -10.99 -3.76
N LYS A 225 16.83 -9.82 -4.38
CA LYS A 225 16.59 -9.68 -5.80
C LYS A 225 17.83 -9.88 -6.66
N LYS A 226 19.01 -10.13 -6.06
CA LYS A 226 20.28 -10.21 -6.79
C LYS A 226 20.59 -8.94 -7.59
N ILE A 227 20.27 -7.79 -7.00
CA ILE A 227 20.70 -6.48 -7.51
C ILE A 227 22.11 -6.22 -7.00
N LYS A 228 23.08 -6.07 -7.92
CA LYS A 228 24.46 -5.84 -7.48
C LYS A 228 24.75 -4.39 -7.14
N LYS A 229 24.00 -3.44 -7.68
CA LYS A 229 24.13 -2.04 -7.32
C LYS A 229 23.43 -1.82 -5.98
N LYS A 230 24.22 -1.79 -4.86
CA LYS A 230 23.66 -1.62 -3.50
C LYS A 230 23.96 -0.23 -2.97
N PRO A 231 23.02 0.38 -2.25
CA PRO A 231 23.28 1.71 -1.68
C PRO A 231 24.22 1.63 -0.50
N VAL A 232 25.11 2.64 -0.39
CA VAL A 232 25.90 2.80 0.82
C VAL A 232 25.06 3.58 1.81
N ILE A 233 25.04 3.15 3.07
CA ILE A 233 24.35 3.92 4.11
C ILE A 233 25.39 4.74 4.84
N LEU A 234 25.24 6.05 4.79
CA LEU A 234 26.17 6.95 5.47
C LEU A 234 25.34 7.69 6.50
N SER A 235 25.21 7.13 7.70
CA SER A 235 24.33 7.72 8.70
C SER A 235 25.06 8.76 9.54
N HIS A 236 24.40 9.89 9.80
CA HIS A 236 24.90 10.88 10.75
C HIS A 236 24.23 10.67 12.13
N GLY A 237 24.93 11.14 13.19
CA GLY A 237 24.44 10.89 14.55
C GLY A 237 23.35 11.87 14.94
N MET A 238 22.57 11.50 15.96
CA MET A 238 21.42 12.33 16.33
C MET A 238 21.89 13.50 17.20
N LEU A 239 21.43 14.71 16.85
CA LEU A 239 21.70 15.90 17.67
C LEU A 239 20.73 15.89 18.84
N PRO A 240 21.21 16.00 20.06
CA PRO A 240 20.31 15.86 21.24
C PRO A 240 19.40 17.07 21.43
N GLY A 241 18.29 16.85 22.17
CA GLY A 241 17.35 17.92 22.48
C GLY A 241 17.86 18.81 23.60
N LEU A 242 17.15 19.91 23.85
CA LEU A 242 17.67 20.89 24.84
C LEU A 242 17.64 20.35 26.27
N LEU A 243 16.72 19.45 26.59
CA LEU A 243 16.47 19.09 27.98
C LEU A 243 17.02 17.70 28.31
N GLU A 244 17.20 17.43 29.59
CA GLU A 244 17.94 16.25 30.02
C GLU A 244 17.27 14.96 29.55
N GLY A 245 18.10 14.04 29.04
CA GLY A 245 17.59 12.78 28.52
C GLY A 245 16.84 12.85 27.20
N GLN A 246 16.73 14.01 26.56
CA GLN A 246 16.20 14.07 25.19
C GLN A 246 17.37 13.77 24.26
N GLU A 247 17.53 12.48 23.92
CA GLU A 247 18.64 12.07 23.07
C GLU A 247 18.51 12.57 21.65
N LYS A 248 17.32 13.03 21.24
CA LYS A 248 17.12 13.48 19.87
C LYS A 248 16.26 14.73 19.84
N MET A 249 16.81 15.80 19.26
CA MET A 249 16.02 16.99 18.99
C MET A 249 14.92 16.64 17.99
N SER A 250 13.72 17.18 18.21
CA SER A 250 12.60 16.88 17.33
C SER A 250 11.46 17.83 17.64
N LYS A 251 10.65 18.10 16.63
CA LYS A 251 9.31 18.66 16.88
C LYS A 251 8.54 17.85 17.93
N SER A 252 8.72 16.52 17.95
CA SER A 252 8.03 15.59 18.85
C SER A 252 8.13 16.00 20.32
N ASP A 253 9.35 15.96 20.90
CA ASP A 253 9.55 16.51 22.23
C ASP A 253 9.34 18.01 22.18
N GLU A 254 8.34 18.51 22.92
CA GLU A 254 8.18 19.94 23.02
C GLU A 254 9.36 20.52 23.80
N ASN A 255 9.79 21.72 23.40
CA ASN A 255 10.92 22.41 24.01
C ASN A 255 12.21 21.62 23.86
N SER A 256 12.25 20.67 22.94
CA SER A 256 13.52 20.02 22.67
C SER A 256 14.36 20.76 21.64
N ALA A 257 13.75 21.61 20.82
CA ALA A 257 14.39 22.06 19.58
C ALA A 257 14.74 23.55 19.56
N ILE A 258 15.85 23.86 18.91
CA ILE A 258 16.10 25.19 18.37
C ILE A 258 15.71 25.13 16.90
N PHE A 259 14.87 26.07 16.46
CA PHE A 259 14.37 26.12 15.09
C PHE A 259 15.16 27.08 14.23
N MET A 260 15.21 26.78 12.92
CA MET A 260 16.02 27.60 12.02
C MET A 260 15.46 29.00 11.89
N ASP A 261 14.22 29.21 12.28
CA ASP A 261 13.60 30.53 12.24
C ASP A 261 13.54 31.20 13.61
N ASP A 262 14.10 30.59 14.65
CA ASP A 262 14.14 31.23 15.96
C ASP A 262 14.90 32.56 15.90
N SER A 263 14.39 33.55 16.62
CA SER A 263 15.05 34.83 16.73
C SER A 263 16.23 34.75 17.69
N GLU A 264 17.00 35.84 17.75
CA GLU A 264 18.14 35.87 18.64
C GLU A 264 17.71 35.71 20.09
N SER A 265 16.62 36.38 20.50
CA SER A 265 16.14 36.20 21.87
C SER A 265 15.61 34.79 22.10
N ASP A 266 14.99 34.18 21.07
CA ASP A 266 14.52 32.81 21.22
C ASP A 266 15.70 31.87 21.44
N VAL A 267 16.77 32.05 20.65
CA VAL A 267 17.92 31.17 20.82
C VAL A 267 18.51 31.36 22.21
N ASN A 268 18.71 32.63 22.62
CA ASN A 268 19.32 32.90 23.92
C ASN A 268 18.49 32.28 25.03
N ARG A 269 17.17 32.40 24.93
CA ARG A 269 16.24 31.88 25.92
C ARG A 269 16.32 30.35 26.02
N LYS A 270 16.28 29.67 24.87
CA LYS A 270 16.37 28.22 24.86
C LYS A 270 17.72 27.70 25.35
N ILE A 271 18.82 28.33 24.94
CA ILE A 271 20.13 27.85 25.38
C ILE A 271 20.32 28.06 26.89
N LYS A 272 19.83 29.18 27.42
CA LYS A 272 19.99 29.43 28.84
C LYS A 272 19.25 28.39 29.67
N LYS A 273 18.10 27.93 29.19
CA LYS A 273 17.26 26.93 29.85
C LYS A 273 17.75 25.50 29.66
N ALA A 274 18.71 25.26 28.77
CA ALA A 274 19.03 23.92 28.32
C ALA A 274 19.83 23.16 29.36
N TYR A 275 19.86 21.85 29.16
CA TYR A 275 20.65 20.94 29.98
C TYR A 275 22.12 21.08 29.61
N CYS A 276 23.00 21.22 30.60
CA CYS A 276 24.45 21.36 30.36
C CYS A 276 25.18 20.89 31.60
N PRO A 277 25.20 19.59 31.84
CA PRO A 277 25.82 19.07 33.07
C PRO A 277 27.29 19.46 33.16
N PRO A 278 27.74 19.95 34.32
CA PRO A 278 29.16 20.24 34.49
C PRO A 278 30.00 18.99 34.28
N ASN A 279 31.19 19.18 33.68
CA ASN A 279 32.18 18.10 33.54
C ASN A 279 31.77 17.00 32.58
N VAL A 280 30.53 16.98 32.12
CA VAL A 280 29.96 15.84 31.43
C VAL A 280 29.71 16.23 29.98
N ILE A 281 30.23 15.43 29.07
CA ILE A 281 29.98 15.65 27.66
C ILE A 281 28.92 14.69 27.11
N GLU A 282 28.73 13.52 27.73
CA GLU A 282 27.76 12.55 27.25
C GLU A 282 26.34 13.09 27.36
N ASN A 283 25.62 13.13 26.24
CA ASN A 283 24.23 13.59 26.21
C ASN A 283 24.08 15.00 26.72
N ASN A 284 25.21 15.72 26.82
CA ASN A 284 25.24 17.15 27.06
C ASN A 284 24.94 17.85 25.75
N PRO A 285 23.73 18.40 25.58
CA PRO A 285 23.38 18.98 24.27
C PRO A 285 24.18 20.23 23.92
N ILE A 286 24.48 21.09 24.91
CA ILE A 286 25.24 22.31 24.64
C ILE A 286 26.61 21.97 24.06
N TYR A 287 27.29 21.02 24.69
CA TYR A 287 28.56 20.58 24.13
C TYR A 287 28.39 19.94 22.75
N ALA A 288 27.31 19.15 22.55
CA ALA A 288 27.07 18.56 21.24
C ALA A 288 26.92 19.62 20.15
N TYR A 289 26.24 20.72 20.45
CA TYR A 289 26.13 21.77 19.45
C TYR A 289 27.50 22.39 19.15
N ALA A 290 28.35 22.50 20.17
CA ALA A 290 29.69 23.05 19.94
C ALA A 290 30.50 22.10 19.06
N LYS A 291 30.46 20.81 19.40
CA LYS A 291 31.25 19.81 18.70
C LYS A 291 30.76 19.56 17.28
N SER A 292 29.43 19.40 17.10
CA SER A 292 28.91 18.90 15.83
C SER A 292 28.56 20.00 14.83
N ILE A 293 28.20 21.18 15.29
CA ILE A 293 27.83 22.27 14.41
C ILE A 293 28.91 23.37 14.38
N ILE A 294 29.25 23.92 15.55
CA ILE A 294 30.05 25.13 15.58
C ILE A 294 31.48 24.83 15.19
N PHE A 295 32.12 23.88 15.85
CA PHE A 295 33.53 23.65 15.55
C PHE A 295 33.77 23.28 14.08
N PRO A 296 32.99 22.40 13.45
CA PRO A 296 33.19 22.16 12.01
C PRO A 296 32.95 23.37 11.13
N SER A 297 32.01 24.24 11.52
CA SER A 297 31.70 25.39 10.67
C SER A 297 32.78 26.45 10.72
N TYR A 298 33.45 26.61 11.86
CA TYR A 298 34.43 27.66 11.99
C TYR A 298 35.86 27.15 12.02
N ASN A 299 36.05 25.83 12.12
CA ASN A 299 37.38 25.20 12.27
C ASN A 299 38.12 25.70 13.51
N GLU A 300 37.37 26.07 14.53
CA GLU A 300 37.92 26.53 15.80
C GLU A 300 36.71 26.77 16.69
N PHE A 301 36.96 27.03 17.98
CA PHE A 301 35.91 27.50 18.88
C PHE A 301 36.52 28.63 19.70
N ASN A 302 36.05 29.86 19.50
CA ASN A 302 36.50 30.99 20.31
C ASN A 302 35.57 31.13 21.51
N LEU A 303 36.11 30.86 22.70
CA LEU A 303 35.36 30.96 23.96
C LEU A 303 35.64 32.33 24.59
N VAL A 304 34.64 33.21 24.59
CA VAL A 304 34.75 34.51 25.25
C VAL A 304 34.33 34.36 26.69
N ARG A 305 35.17 34.84 27.62
CA ARG A 305 34.90 34.79 29.06
C ARG A 305 35.61 35.95 29.74
N LYS A 306 35.07 36.33 30.89
CA LYS A 306 35.79 37.27 31.75
C LYS A 306 37.09 36.63 32.26
N GLU A 307 38.09 37.50 32.54
CA GLU A 307 39.39 37.04 33.02
C GLU A 307 39.26 36.20 34.28
N LYS A 308 38.40 36.62 35.22
CA LYS A 308 38.31 35.89 36.48
C LYS A 308 37.81 34.45 36.28
N ASN A 309 37.06 34.21 35.21
CA ASN A 309 36.56 32.89 34.88
C ASN A 309 37.47 32.11 33.95
N GLY A 310 38.63 32.66 33.59
CA GLY A 310 39.57 31.97 32.72
C GLY A 310 39.96 32.71 31.47
N GLY A 311 39.25 33.76 31.10
CA GLY A 311 39.61 34.61 29.98
C GLY A 311 39.27 33.99 28.64
N ASP A 312 39.28 34.83 27.60
CA ASP A 312 39.01 34.30 26.27
C ASP A 312 40.04 33.23 25.94
N LYS A 313 39.62 32.21 25.18
CA LYS A 313 40.56 31.19 24.72
C LYS A 313 40.09 30.72 23.34
N THR A 314 41.03 30.57 22.40
CA THR A 314 40.69 29.97 21.11
C THR A 314 41.09 28.50 21.11
N TYR A 315 40.12 27.64 20.78
CA TYR A 315 40.29 26.20 20.71
C TYR A 315 40.58 25.83 19.27
N TYR A 316 41.70 25.20 19.02
CA TYR A 316 41.92 24.71 17.65
C TYR A 316 41.65 23.23 17.47
N THR A 317 41.47 22.46 18.54
CA THR A 317 41.11 21.06 18.39
C THR A 317 39.91 20.72 19.26
N LEU A 318 39.15 19.72 18.83
CA LEU A 318 38.09 19.21 19.70
C LEU A 318 38.67 18.52 20.91
N GLN A 319 39.90 18.01 20.79
CA GLN A 319 40.53 17.31 21.90
C GLN A 319 40.71 18.26 23.07
N GLU A 320 41.15 19.48 22.79
CA GLU A 320 41.40 20.40 23.89
C GLU A 320 40.09 20.91 24.49
N LEU A 321 39.11 21.18 23.66
CA LEU A 321 37.79 21.58 24.16
C LEU A 321 37.23 20.52 25.11
N GLU A 322 37.30 19.24 24.71
CA GLU A 322 36.79 18.16 25.56
C GLU A 322 37.57 18.07 26.87
N HIS A 323 38.91 18.09 26.80
CA HIS A 323 39.72 18.08 28.02
C HIS A 323 39.31 19.21 28.98
N ASP A 324 39.15 20.43 28.46
CA ASP A 324 38.86 21.55 29.32
C ASP A 324 37.46 21.45 29.92
N TYR A 325 36.48 20.99 29.14
CA TYR A 325 35.15 20.85 29.70
C TYR A 325 35.11 19.75 30.76
N VAL A 326 35.67 18.58 30.47
CA VAL A 326 35.56 17.46 31.42
C VAL A 326 36.30 17.77 32.71
N ASN A 327 37.36 18.59 32.65
CA ASN A 327 38.14 19.00 33.82
C ASN A 327 37.57 20.23 34.53
N GLY A 328 36.41 20.76 34.09
CA GLY A 328 35.81 21.87 34.79
C GLY A 328 36.45 23.21 34.53
N PHE A 329 37.27 23.32 33.46
CA PHE A 329 37.89 24.60 33.12
C PHE A 329 36.89 25.55 32.48
N ILE A 330 35.87 25.02 31.85
CA ILE A 330 34.84 25.77 31.16
C ILE A 330 33.56 25.53 31.93
N HIS A 331 33.05 26.59 32.57
CA HIS A 331 31.79 26.50 33.29
C HIS A 331 30.64 26.43 32.30
N PRO A 332 29.55 25.76 32.67
CA PRO A 332 28.43 25.67 31.73
C PRO A 332 27.91 27.03 31.30
N LEU A 333 27.90 28.05 32.17
CA LEU A 333 27.37 29.34 31.70
C LEU A 333 28.22 29.93 30.59
N ASP A 334 29.53 29.78 30.68
CA ASP A 334 30.40 30.28 29.62
C ASP A 334 30.21 29.51 28.33
N LEU A 335 30.08 28.18 28.41
CA LEU A 335 29.84 27.39 27.19
C LEU A 335 28.50 27.81 26.56
N LYS A 336 27.44 27.90 27.37
CA LYS A 336 26.14 28.35 26.86
C LYS A 336 26.21 29.70 26.17
N ASP A 337 26.80 30.70 26.84
CA ASP A 337 26.80 32.04 26.25
C ASP A 337 27.48 32.02 24.88
N ASN A 338 28.55 31.24 24.77
CA ASN A 338 29.26 31.19 23.49
C ASN A 338 28.52 30.35 22.45
N VAL A 339 27.94 29.22 22.85
CA VAL A 339 27.17 28.46 21.87
C VAL A 339 26.01 29.29 21.33
N ALA A 340 25.33 30.04 22.21
CA ALA A 340 24.23 30.87 21.73
C ALA A 340 24.72 31.91 20.74
N MET A 341 25.86 32.55 21.05
CA MET A 341 26.39 33.55 20.14
C MET A 341 26.64 32.94 18.77
N TYR A 342 27.18 31.72 18.74
CA TYR A 342 27.59 31.14 17.48
C TYR A 342 26.36 30.67 16.69
N ILE A 343 25.37 30.10 17.40
CA ILE A 343 24.18 29.66 16.68
C ILE A 343 23.51 30.86 16.05
N ASN A 344 23.41 31.97 16.80
CA ASN A 344 22.85 33.20 16.25
C ASN A 344 23.68 33.69 15.05
N LYS A 345 25.00 33.58 15.13
CA LYS A 345 25.81 33.98 13.98
C LYS A 345 25.48 33.11 12.76
N LEU A 346 25.43 31.79 12.98
CA LEU A 346 25.16 30.88 11.86
C LEU A 346 23.76 31.09 11.29
N LEU A 347 22.81 31.51 12.12
CA LEU A 347 21.45 31.73 11.59
C LEU A 347 21.28 33.08 10.94
N GLN A 348 22.29 33.97 10.98
CA GLN A 348 22.05 35.32 10.46
C GLN A 348 21.61 35.34 9.01
N PRO A 349 22.19 34.56 8.08
CA PRO A 349 21.68 34.61 6.70
C PRO A 349 20.22 34.15 6.59
N VAL A 350 19.78 33.21 7.43
CA VAL A 350 18.38 32.79 7.44
C VAL A 350 17.49 33.93 7.92
N ARG A 351 17.85 34.54 9.05
CA ARG A 351 17.06 35.68 9.56
C ARG A 351 16.94 36.78 8.52
N ASP A 352 18.06 37.12 7.88
CA ASP A 352 18.05 38.18 6.89
C ASP A 352 17.14 37.83 5.72
N HIS A 353 17.11 36.55 5.33
CA HIS A 353 16.26 36.13 4.21
C HIS A 353 14.79 36.26 4.57
N PHE A 354 14.41 35.89 5.78
CA PHE A 354 13.00 35.94 6.16
C PHE A 354 12.58 37.31 6.63
N GLN A 355 13.52 38.17 6.98
CA GLN A 355 13.19 39.56 7.33
C GLN A 355 13.08 40.43 6.10
N ASN A 356 13.77 40.09 5.01
CA ASN A 356 13.83 40.94 3.81
C ASN A 356 12.99 40.39 2.67
N ASN A 357 13.16 39.13 2.31
CA ASN A 357 12.36 38.53 1.24
C ASN A 357 10.90 38.44 1.68
N ILE A 358 10.14 39.53 1.45
CA ILE A 358 8.81 39.70 2.04
C ILE A 358 7.91 38.50 1.77
N GLU A 359 8.09 37.84 0.63
CA GLU A 359 7.31 36.64 0.33
C GLU A 359 7.73 35.44 1.18
N ALA A 360 9.01 35.35 1.56
CA ALA A 360 9.40 34.32 2.52
C ALA A 360 8.92 34.68 3.92
N LYS A 361 8.96 35.97 4.25
CA LYS A 361 8.40 36.47 5.50
C LYS A 361 6.93 36.04 5.64
N ASN A 362 6.12 36.33 4.63
CA ASN A 362 4.70 35.95 4.69
C ASN A 362 4.54 34.44 4.84
N LEU A 363 5.41 33.67 4.21
CA LEU A 363 5.30 32.22 4.25
C LEU A 363 5.63 31.68 5.64
N LEU A 364 6.69 32.20 6.25
CA LEU A 364 7.00 31.88 7.64
C LEU A 364 5.83 32.24 8.57
N ASN A 365 5.27 33.43 8.41
CA ASN A 365 4.19 33.83 9.32
C ASN A 365 3.01 32.88 9.23
N GLU A 366 2.76 32.31 8.04
CA GLU A 366 1.66 31.39 7.89
C GLU A 366 1.95 30.05 8.57
N ILE A 367 3.13 29.47 8.29
CA ILE A 367 3.36 28.12 8.76
C ILE A 367 3.59 28.10 10.27
N LYS A 368 4.03 29.22 10.86
CA LYS A 368 4.11 29.32 12.32
C LYS A 368 2.76 29.09 12.97
N LYS A 369 1.68 29.36 12.27
CA LYS A 369 0.33 29.28 12.82
C LYS A 369 -0.28 27.91 12.67
N TYR A 370 0.49 26.90 12.28
CA TYR A 370 -0.02 25.56 12.06
C TYR A 370 0.18 24.71 13.31
N LYS A 371 -0.89 24.02 13.74
CA LYS A 371 -0.79 23.08 14.83
C LYS A 371 -0.02 21.83 14.40
N VAL A 372 1.00 21.46 15.18
CA VAL A 372 1.77 20.25 14.91
C VAL A 372 1.01 19.03 15.43
N THR A 373 0.86 18.01 14.58
CA THR A 373 0.07 16.82 14.91
C THR A 373 0.92 15.56 14.73
N LYS A 374 0.39 14.46 15.27
CA LYS A 374 1.02 13.13 15.23
C LYS A 374 -0.02 12.05 14.93
N GLU B 13 -56.76 13.16 -11.83
CA GLU B 13 -55.30 13.19 -11.92
C GLU B 13 -54.68 12.77 -10.59
N ILE B 14 -55.53 12.57 -9.57
CA ILE B 14 -55.03 12.10 -8.28
C ILE B 14 -55.01 10.57 -8.23
N GLU B 15 -55.90 9.90 -8.97
CA GLU B 15 -55.99 8.44 -9.01
C GLU B 15 -55.03 7.81 -10.02
N GLU B 16 -54.73 8.51 -11.11
CA GLU B 16 -53.69 8.07 -12.05
C GLU B 16 -52.31 8.34 -11.49
N LYS B 17 -52.14 9.46 -10.78
CA LYS B 17 -50.92 9.65 -10.00
C LYS B 17 -50.77 8.53 -8.97
N LYS B 18 -51.85 8.22 -8.24
CA LYS B 18 -51.82 7.12 -7.27
C LYS B 18 -51.48 5.80 -7.95
N ALA B 19 -52.07 5.53 -9.11
CA ALA B 19 -51.79 4.30 -9.86
C ALA B 19 -50.39 4.31 -10.47
N GLN B 20 -49.85 5.50 -10.77
CA GLN B 20 -48.46 5.61 -11.20
C GLN B 20 -47.49 5.27 -10.08
N GLU B 21 -47.73 5.81 -8.87
CA GLU B 21 -46.84 5.58 -7.74
C GLU B 21 -46.91 4.14 -7.25
N GLU B 22 -48.12 3.58 -7.14
CA GLU B 22 -48.29 2.17 -6.72
C GLU B 22 -47.54 1.22 -7.65
N SER B 23 -47.76 1.35 -8.96
CA SER B 23 -47.07 0.49 -9.92
C SER B 23 -45.55 0.55 -9.76
N LYS B 24 -45.01 1.71 -9.36
CA LYS B 24 -43.56 1.84 -9.19
C LYS B 24 -43.06 1.09 -7.97
N ILE B 25 -43.77 1.16 -6.85
CA ILE B 25 -43.31 0.45 -5.66
C ILE B 25 -43.39 -1.07 -5.86
N GLU B 26 -44.47 -1.54 -6.49
CA GLU B 26 -44.55 -2.96 -6.81
C GLU B 26 -43.38 -3.39 -7.69
N ASP B 27 -43.02 -2.59 -8.70
CA ASP B 27 -41.88 -2.91 -9.54
C ASP B 27 -40.61 -3.04 -8.71
N VAL B 28 -40.35 -2.08 -7.81
CA VAL B 28 -39.11 -2.11 -7.03
C VAL B 28 -39.08 -3.34 -6.15
N ASP B 29 -40.17 -3.62 -5.42
CA ASP B 29 -40.22 -4.76 -4.51
C ASP B 29 -39.94 -6.07 -5.25
N LYS B 30 -40.43 -6.18 -6.50
CA LYS B 30 -40.18 -7.39 -7.28
C LYS B 30 -38.74 -7.41 -7.79
N ILE B 31 -38.22 -6.25 -8.22
CA ILE B 31 -36.81 -6.15 -8.60
C ILE B 31 -35.92 -6.48 -7.41
N LEU B 32 -36.21 -5.91 -6.24
CA LEU B 32 -35.43 -6.24 -5.05
C LEU B 32 -35.53 -7.73 -4.71
N ASN B 33 -36.73 -8.30 -4.84
CA ASN B 33 -36.95 -9.63 -4.28
C ASN B 33 -36.21 -10.71 -5.06
N ASP B 34 -36.00 -10.52 -6.36
CA ASP B 34 -35.28 -11.54 -7.09
C ASP B 34 -33.83 -11.15 -7.37
N ILE B 35 -33.45 -9.88 -7.17
CA ILE B 35 -32.01 -9.58 -7.00
C ILE B 35 -31.50 -10.25 -5.74
N LEU B 36 -32.31 -10.24 -4.68
CA LEU B 36 -31.98 -10.95 -3.46
C LEU B 36 -31.95 -12.45 -3.67
N SER B 37 -32.65 -12.97 -4.69
CA SER B 37 -32.72 -14.42 -4.84
C SER B 37 -31.39 -15.03 -5.28
N ILE B 38 -30.51 -14.27 -5.94
CA ILE B 38 -29.20 -14.78 -6.34
C ILE B 38 -28.21 -14.78 -5.20
N SER B 39 -28.63 -14.37 -4.01
CA SER B 39 -27.72 -13.91 -2.96
C SER B 39 -27.81 -14.81 -1.74
N SER B 40 -26.65 -15.03 -1.12
CA SER B 40 -26.56 -15.68 0.17
C SER B 40 -26.76 -14.70 1.31
N GLU B 41 -26.34 -13.46 1.12
CA GLU B 41 -26.41 -12.47 2.18
C GLU B 41 -26.43 -11.12 1.52
N CYS B 42 -27.24 -10.21 2.04
CA CYS B 42 -27.22 -8.85 1.53
C CYS B 42 -27.04 -7.92 2.72
N ILE B 43 -25.95 -7.15 2.69
CA ILE B 43 -25.70 -6.23 3.78
C ILE B 43 -26.33 -4.91 3.39
N GLN B 44 -27.60 -4.86 3.80
CA GLN B 44 -28.83 -4.11 4.02
C GLN B 44 -29.70 -4.15 2.77
N PRO B 45 -30.70 -5.05 2.77
CA PRO B 45 -31.75 -5.00 1.75
C PRO B 45 -32.43 -3.66 1.69
N ASP B 46 -32.62 -3.03 2.85
CA ASP B 46 -33.23 -1.70 2.89
C ASP B 46 -32.37 -0.66 2.17
N GLU B 47 -31.05 -0.82 2.20
CA GLU B 47 -30.20 0.07 1.43
C GLU B 47 -30.24 -0.26 -0.05
N LEU B 48 -30.37 -1.54 -0.39
CA LEU B 48 -30.53 -1.94 -1.78
C LEU B 48 -31.84 -1.41 -2.34
N ARG B 49 -32.93 -1.56 -1.58
CA ARG B 49 -34.20 -0.98 -2.00
C ARG B 49 -34.04 0.50 -2.30
N VAL B 50 -33.34 1.21 -1.42
CA VAL B 50 -33.10 2.64 -1.59
C VAL B 50 -32.36 2.89 -2.91
N LYS B 51 -31.28 2.14 -3.15
CA LYS B 51 -30.47 2.37 -4.34
C LYS B 51 -31.25 2.10 -5.62
N LEU B 52 -32.13 1.10 -5.62
CA LEU B 52 -32.97 0.85 -6.80
C LEU B 52 -33.97 1.96 -7.04
N LEU B 53 -34.08 2.92 -6.13
CA LEU B 53 -34.95 4.07 -6.38
C LEU B 53 -34.27 5.13 -7.23
N LEU B 54 -32.98 4.99 -7.54
CA LEU B 54 -32.31 5.96 -8.39
C LEU B 54 -32.73 5.80 -9.86
N LYS B 55 -32.73 6.92 -10.57
CA LYS B 55 -33.03 6.86 -12.00
C LYS B 55 -31.91 6.18 -12.77
N ARG B 56 -30.68 6.23 -12.26
CA ARG B 56 -29.53 5.70 -12.97
C ARG B 56 -29.40 4.19 -12.77
N LYS B 57 -28.53 3.58 -13.59
CA LYS B 57 -28.18 2.19 -13.39
C LYS B 57 -27.20 2.07 -12.21
N LEU B 58 -27.30 0.96 -11.49
CA LEU B 58 -26.44 0.68 -10.35
C LEU B 58 -25.18 -0.04 -10.80
N ILE B 59 -24.04 0.42 -10.34
CA ILE B 59 -22.80 -0.20 -10.74
C ILE B 59 -22.49 -1.37 -9.81
N CYS B 60 -22.33 -2.56 -10.38
CA CYS B 60 -22.00 -3.76 -9.64
C CYS B 60 -20.66 -4.26 -10.13
N TYR B 61 -19.95 -5.00 -9.28
CA TYR B 61 -18.70 -5.60 -9.74
C TYR B 61 -18.34 -6.87 -8.97
N ASP B 62 -17.52 -7.69 -9.61
CA ASP B 62 -16.85 -8.84 -9.04
C ASP B 62 -15.41 -8.77 -9.57
N GLY B 63 -14.47 -9.38 -8.89
CA GLY B 63 -13.08 -9.32 -9.32
C GLY B 63 -12.43 -10.69 -9.21
N PHE B 64 -11.43 -10.93 -10.07
CA PHE B 64 -10.92 -12.27 -10.35
C PHE B 64 -9.41 -12.22 -10.47
N GLU B 65 -8.70 -13.02 -9.68
CA GLU B 65 -7.27 -13.24 -9.91
C GLU B 65 -7.10 -14.18 -11.09
N PRO B 66 -6.39 -13.76 -12.19
CA PRO B 66 -6.17 -14.68 -13.31
C PRO B 66 -5.04 -15.64 -12.99
N SER B 67 -5.42 -16.75 -12.33
CA SER B 67 -4.46 -17.61 -11.63
C SER B 67 -4.50 -19.06 -12.06
N GLY B 68 -5.21 -19.40 -13.12
CA GLY B 68 -5.33 -20.79 -13.52
C GLY B 68 -6.57 -20.98 -14.39
N ARG B 69 -6.93 -22.24 -14.60
CA ARG B 69 -8.15 -22.51 -15.35
C ARG B 69 -9.36 -21.92 -14.61
N MET B 70 -10.42 -21.62 -15.35
CA MET B 70 -11.62 -21.07 -14.73
C MET B 70 -12.57 -22.23 -14.38
N HIS B 71 -13.10 -22.24 -13.17
CA HIS B 71 -14.03 -23.32 -12.79
C HIS B 71 -15.45 -22.81 -12.92
N ILE B 72 -16.42 -23.72 -12.83
CA ILE B 72 -17.75 -23.31 -13.27
C ILE B 72 -18.44 -22.34 -12.35
N ALA B 73 -17.98 -22.16 -11.11
CA ALA B 73 -18.57 -21.09 -10.29
C ALA B 73 -18.23 -19.72 -10.87
N GLN B 74 -17.04 -19.57 -11.48
CA GLN B 74 -16.64 -18.26 -12.02
C GLN B 74 -17.18 -17.97 -13.40
N GLY B 75 -17.58 -19.01 -14.14
CA GLY B 75 -18.23 -18.84 -15.44
C GLY B 75 -19.73 -19.07 -15.44
N LEU B 76 -20.17 -20.30 -15.16
CA LEU B 76 -21.59 -20.62 -15.29
C LEU B 76 -22.42 -19.96 -14.20
N LEU B 77 -22.02 -20.13 -12.92
CA LEU B 77 -22.77 -19.49 -11.83
C LEU B 77 -22.74 -17.98 -11.97
N LYS B 78 -21.57 -17.42 -12.28
CA LYS B 78 -21.45 -15.98 -12.44
C LYS B 78 -22.45 -15.43 -13.46
N SER B 79 -22.52 -16.05 -14.64
CA SER B 79 -23.38 -15.50 -15.69
C SER B 79 -24.84 -15.45 -15.29
N ILE B 80 -25.31 -16.43 -14.49
CA ILE B 80 -26.71 -16.40 -14.05
C ILE B 80 -26.96 -15.16 -13.22
N ILE B 81 -26.04 -14.90 -12.29
CA ILE B 81 -26.13 -13.76 -11.40
C ILE B 81 -26.08 -12.46 -12.20
N VAL B 82 -25.08 -12.34 -13.07
CA VAL B 82 -24.94 -11.10 -13.87
C VAL B 82 -26.17 -10.89 -14.76
N ASN B 83 -26.69 -11.96 -15.37
CA ASN B 83 -27.88 -11.79 -16.22
C ASN B 83 -29.05 -11.26 -15.42
N LYS B 84 -29.22 -11.76 -14.19
CA LYS B 84 -30.28 -11.26 -13.32
C LYS B 84 -30.11 -9.77 -13.04
N LEU B 85 -28.89 -9.34 -12.74
CA LEU B 85 -28.70 -7.93 -12.42
C LEU B 85 -28.86 -7.04 -13.65
N THR B 86 -28.26 -7.42 -14.79
CA THR B 86 -28.33 -6.53 -15.94
C THR B 86 -29.73 -6.45 -16.54
N SER B 87 -30.57 -7.44 -16.30
CA SER B 87 -31.95 -7.32 -16.75
C SER B 87 -32.81 -6.60 -15.72
N ASN B 88 -32.19 -6.06 -14.68
CA ASN B 88 -32.86 -5.33 -13.60
C ASN B 88 -32.18 -3.99 -13.32
N GLY B 89 -31.66 -3.33 -14.36
CA GLY B 89 -31.14 -1.99 -14.23
C GLY B 89 -29.77 -1.83 -13.62
N CYS B 90 -28.91 -2.84 -13.71
CA CYS B 90 -27.54 -2.74 -13.23
C CYS B 90 -26.56 -2.80 -14.39
N THR B 91 -25.40 -2.21 -14.18
CA THR B 91 -24.23 -2.38 -15.03
C THR B 91 -23.26 -3.25 -14.25
N PHE B 92 -22.52 -4.13 -14.93
CA PHE B 92 -21.73 -5.11 -14.18
C PHE B 92 -20.29 -5.02 -14.67
N ILE B 93 -19.35 -4.85 -13.74
CA ILE B 93 -17.95 -4.73 -14.09
C ILE B 93 -17.26 -6.04 -13.71
N PHE B 94 -16.59 -6.67 -14.66
CA PHE B 94 -15.61 -7.70 -14.34
C PHE B 94 -14.26 -7.03 -14.20
N TRP B 95 -13.68 -7.13 -13.03
CA TRP B 95 -12.40 -6.52 -12.70
C TRP B 95 -11.35 -7.59 -12.87
N ILE B 96 -10.54 -7.49 -13.91
CA ILE B 96 -9.47 -8.46 -14.14
C ILE B 96 -8.33 -8.04 -13.20
N ALA B 97 -8.17 -8.75 -12.08
CA ALA B 97 -7.28 -8.29 -10.99
C ALA B 97 -5.85 -8.82 -11.20
N ASP B 98 -5.26 -8.38 -12.31
CA ASP B 98 -3.95 -8.90 -12.68
C ASP B 98 -2.87 -8.47 -11.67
N TRP B 99 -2.88 -7.19 -11.24
CA TRP B 99 -1.87 -6.76 -10.30
C TRP B 99 -2.04 -7.48 -8.97
N PHE B 100 -3.29 -7.82 -8.66
CA PHE B 100 -3.56 -8.56 -7.43
C PHE B 100 -2.98 -9.97 -7.50
N ALA B 101 -3.23 -10.70 -8.61
CA ALA B 101 -2.67 -12.04 -8.72
C ALA B 101 -1.16 -12.00 -8.60
N HIS B 102 -0.56 -10.95 -9.14
CA HIS B 102 0.91 -10.80 -9.11
C HIS B 102 1.37 -10.59 -7.67
N LEU B 103 0.70 -9.68 -6.95
CA LEU B 103 1.01 -9.41 -5.54
C LEU B 103 0.87 -10.66 -4.69
N ASN B 104 -0.07 -11.55 -5.05
CA ASN B 104 -0.39 -12.79 -4.36
C ASN B 104 0.40 -14.00 -4.88
N ASN B 105 1.43 -13.78 -5.71
CA ASN B 105 2.39 -14.81 -6.10
C ASN B 105 1.78 -15.87 -7.03
N LYS B 106 0.82 -15.49 -7.85
CA LYS B 106 0.16 -16.45 -8.72
C LYS B 106 0.91 -16.52 -10.04
N MET B 107 0.78 -17.67 -10.72
CA MET B 107 1.34 -17.84 -12.05
C MET B 107 2.84 -17.58 -12.00
N SER B 108 3.46 -18.00 -10.89
CA SER B 108 4.85 -17.69 -10.56
C SER B 108 5.11 -16.17 -10.53
N GLY B 109 4.10 -15.39 -10.15
CA GLY B 109 4.23 -13.94 -10.20
C GLY B 109 4.63 -13.39 -11.55
N ASP B 110 4.52 -14.19 -12.61
CA ASP B 110 4.81 -13.75 -13.97
C ASP B 110 3.63 -12.97 -14.53
N LEU B 111 3.77 -11.64 -14.66
CA LEU B 111 2.62 -10.84 -15.10
C LEU B 111 2.23 -11.13 -16.56
N LYS B 112 3.20 -11.52 -17.40
CA LYS B 112 2.81 -11.89 -18.76
C LYS B 112 1.90 -13.12 -18.78
N LYS B 113 2.18 -14.13 -17.93
CA LYS B 113 1.28 -15.28 -17.87
C LYS B 113 -0.09 -14.89 -17.30
N ILE B 114 -0.09 -14.06 -16.25
CA ILE B 114 -1.33 -13.59 -15.63
C ILE B 114 -2.22 -12.88 -16.66
N LYS B 115 -1.65 -11.99 -17.45
CA LYS B 115 -2.44 -11.29 -18.46
C LYS B 115 -2.95 -12.23 -19.54
N LYS B 116 -2.17 -13.27 -19.89
CA LYS B 116 -2.67 -14.29 -20.79
C LYS B 116 -3.90 -14.97 -20.21
N VAL B 117 -3.83 -15.36 -18.92
CA VAL B 117 -4.98 -16.00 -18.31
C VAL B 117 -6.17 -15.03 -18.26
N GLY B 118 -5.89 -13.74 -18.01
CA GLY B 118 -6.97 -12.73 -17.99
C GLY B 118 -7.67 -12.60 -19.33
N SER B 119 -6.91 -12.61 -20.44
CA SER B 119 -7.51 -12.62 -21.77
C SER B 119 -8.36 -13.86 -21.98
N TYR B 120 -7.86 -15.00 -21.48
CA TYR B 120 -8.61 -16.25 -21.59
C TYR B 120 -9.92 -16.17 -20.81
N PHE B 121 -9.87 -15.64 -19.58
CA PHE B 121 -11.12 -15.48 -18.81
C PHE B 121 -12.14 -14.66 -19.60
N ILE B 122 -11.68 -13.56 -20.23
CA ILE B 122 -12.61 -12.73 -20.98
C ILE B 122 -13.22 -13.52 -22.13
N GLU B 123 -12.40 -14.31 -22.86
CA GLU B 123 -12.94 -15.13 -23.95
C GLU B 123 -14.02 -16.08 -23.45
N VAL B 124 -13.81 -16.69 -22.27
CA VAL B 124 -14.82 -17.56 -21.68
C VAL B 124 -16.09 -16.77 -21.41
N TRP B 125 -15.96 -15.65 -20.68
CA TRP B 125 -17.15 -14.91 -20.25
C TRP B 125 -17.92 -14.41 -21.45
N LYS B 126 -17.22 -14.07 -22.53
CA LYS B 126 -17.92 -13.60 -23.73
C LYS B 126 -18.72 -14.70 -24.43
N SER B 127 -18.43 -15.97 -24.21
CA SER B 127 -19.19 -17.06 -24.83
C SER B 127 -20.00 -17.83 -23.80
N CYS B 128 -20.28 -17.22 -22.65
CA CYS B 128 -21.00 -17.85 -21.56
C CYS B 128 -22.51 -17.74 -21.63
N GLY B 129 -23.06 -17.01 -22.60
CA GLY B 129 -24.50 -16.80 -22.55
C GLY B 129 -24.88 -15.75 -21.54
N MET B 130 -24.01 -14.78 -21.34
CA MET B 130 -24.31 -13.54 -20.63
C MET B 130 -24.70 -12.51 -21.65
N ASN B 131 -25.76 -11.77 -21.37
CA ASN B 131 -26.04 -10.57 -22.16
C ASN B 131 -24.95 -9.56 -21.87
N MET B 132 -24.29 -9.03 -22.91
CA MET B 132 -23.10 -8.19 -22.78
C MET B 132 -23.40 -6.72 -22.88
N GLU B 133 -24.66 -6.36 -23.07
CA GLU B 133 -25.02 -4.96 -23.31
C GLU B 133 -24.53 -4.07 -22.19
N ASN B 134 -24.66 -4.53 -20.95
CA ASN B 134 -24.36 -3.74 -19.75
C ASN B 134 -23.22 -4.36 -18.95
N VAL B 135 -22.27 -4.98 -19.63
CA VAL B 135 -21.14 -5.66 -18.98
C VAL B 135 -19.87 -5.00 -19.49
N GLN B 136 -18.88 -4.83 -18.61
CA GLN B 136 -17.60 -4.28 -19.00
C GLN B 136 -16.52 -5.15 -18.41
N PHE B 137 -15.40 -5.26 -19.11
CA PHE B 137 -14.25 -5.95 -18.55
C PHE B 137 -13.17 -4.90 -18.31
N LEU B 138 -12.80 -4.69 -17.05
CA LEU B 138 -11.77 -3.68 -16.74
C LEU B 138 -10.56 -4.36 -16.13
N TRP B 139 -9.36 -3.97 -16.60
CA TRP B 139 -8.12 -4.54 -16.10
C TRP B 139 -7.59 -3.64 -14.99
N ALA B 140 -7.23 -4.24 -13.86
CA ALA B 140 -6.76 -3.43 -12.73
C ALA B 140 -5.57 -2.58 -13.12
N SER B 141 -4.54 -3.21 -13.68
CA SER B 141 -3.35 -2.49 -14.11
C SER B 141 -3.70 -1.28 -14.97
N GLU B 142 -4.55 -1.46 -16.00
CA GLU B 142 -4.87 -0.36 -16.91
C GLU B 142 -5.60 0.76 -16.19
N GLU B 143 -6.59 0.40 -15.38
CA GLU B 143 -7.44 1.47 -14.78
C GLU B 143 -6.69 2.22 -13.69
N ILE B 144 -5.92 1.50 -12.87
CA ILE B 144 -5.14 2.17 -11.83
C ILE B 144 -4.17 3.15 -12.47
N ASN B 145 -3.58 2.77 -13.59
CA ASN B 145 -2.56 3.64 -14.15
C ASN B 145 -3.14 4.76 -15.02
N LYS B 146 -4.45 4.76 -15.29
CA LYS B 146 -5.13 5.93 -15.85
C LYS B 146 -5.31 7.03 -14.80
N LYS B 147 -5.47 6.67 -13.54
CA LYS B 147 -5.73 7.65 -12.47
C LYS B 147 -4.93 7.26 -11.24
N PRO B 148 -3.59 7.23 -11.37
CA PRO B 148 -2.75 6.72 -10.29
C PRO B 148 -2.67 7.63 -9.06
N ASN B 149 -2.83 8.94 -9.21
CA ASN B 149 -2.84 9.77 -8.00
C ASN B 149 -4.07 9.50 -7.16
N GLU B 150 -5.24 9.50 -7.80
CA GLU B 150 -6.51 9.20 -7.11
C GLU B 150 -6.46 7.82 -6.45
N TYR B 151 -5.99 6.80 -7.20
CA TYR B 151 -6.04 5.43 -6.70
C TYR B 151 -5.14 5.25 -5.49
N TRP B 152 -3.84 5.61 -5.62
CA TRP B 152 -2.92 5.36 -4.53
C TRP B 152 -3.21 6.28 -3.34
N SER B 153 -3.79 7.45 -3.59
CA SER B 153 -4.18 8.30 -2.48
C SER B 153 -5.24 7.59 -1.65
N LEU B 154 -6.21 6.96 -2.32
CA LEU B 154 -7.22 6.19 -1.62
C LEU B 154 -6.60 5.03 -0.85
N VAL B 155 -5.71 4.28 -1.50
CA VAL B 155 -5.02 3.19 -0.82
C VAL B 155 -4.35 3.68 0.46
N LEU B 156 -3.61 4.81 0.37
CA LEU B 156 -2.92 5.30 1.55
C LEU B 156 -3.90 5.72 2.63
N ASP B 157 -5.01 6.36 2.25
CA ASP B 157 -5.92 6.83 3.28
C ASP B 157 -6.60 5.67 3.99
N ILE B 158 -6.91 4.61 3.25
CA ILE B 158 -7.44 3.39 3.87
C ILE B 158 -6.41 2.79 4.83
N SER B 159 -5.13 2.74 4.42
CA SER B 159 -4.11 2.19 5.32
C SER B 159 -3.99 2.95 6.65
N ARG B 160 -4.21 4.27 6.64
CA ARG B 160 -4.14 5.06 7.87
C ARG B 160 -5.32 4.84 8.81
N SER B 161 -6.40 4.26 8.31
CA SER B 161 -7.68 4.17 9.02
C SER B 161 -7.85 2.87 9.80
N PHE B 162 -7.06 1.83 9.51
CA PHE B 162 -7.23 0.51 10.11
C PHE B 162 -5.91 -0.01 10.67
N ASN B 163 -5.97 -0.71 11.81
CA ASN B 163 -4.71 -1.26 12.31
C ASN B 163 -4.42 -2.61 11.66
N ILE B 164 -3.22 -3.11 11.94
CA ILE B 164 -2.72 -4.29 11.24
C ILE B 164 -3.61 -5.49 11.55
N ASN B 165 -3.90 -5.70 12.83
CA ASN B 165 -4.74 -6.83 13.25
C ASN B 165 -6.08 -6.82 12.52
N ARG B 166 -6.74 -5.66 12.49
CA ARG B 166 -8.00 -5.55 11.76
C ARG B 166 -7.83 -5.96 10.31
N MET B 167 -6.75 -5.50 9.67
CA MET B 167 -6.55 -5.84 8.28
C MET B 167 -6.17 -7.31 8.11
N LYS B 168 -5.48 -7.92 9.08
CA LYS B 168 -5.22 -9.35 8.92
C LYS B 168 -6.51 -10.17 9.00
N ARG B 169 -7.59 -9.62 9.53
CA ARG B 169 -8.88 -10.32 9.44
C ARG B 169 -9.37 -10.47 8.01
N CYS B 170 -8.76 -9.81 7.04
CA CYS B 170 -9.14 -9.95 5.65
C CYS B 170 -8.34 -10.99 4.87
N LEU B 171 -7.43 -11.74 5.52
CA LEU B 171 -6.58 -12.67 4.79
C LEU B 171 -7.36 -13.65 3.94
N LYS B 172 -8.57 -14.02 4.37
CA LYS B 172 -9.32 -14.99 3.58
C LYS B 172 -9.58 -14.50 2.17
N ILE B 173 -9.68 -13.17 1.96
CA ILE B 173 -9.99 -12.69 0.60
C ILE B 173 -8.91 -13.05 -0.40
N MET B 174 -7.68 -13.35 0.05
CA MET B 174 -6.61 -13.73 -0.87
C MET B 174 -6.25 -15.20 -0.73
N GLY B 175 -7.12 -15.99 -0.09
CA GLY B 175 -6.82 -17.39 0.16
C GLY B 175 -5.63 -17.60 1.09
N ARG B 176 -5.36 -16.68 2.00
CA ARG B 176 -4.28 -16.81 2.97
C ARG B 176 -4.84 -16.93 4.37
N SER B 177 -3.96 -17.20 5.34
CA SER B 177 -4.40 -17.32 6.71
C SER B 177 -3.30 -16.88 7.65
N GLU B 178 -3.70 -16.68 8.92
CA GLU B 178 -2.73 -16.29 9.93
C GLU B 178 -1.65 -17.34 10.09
N GLY B 179 -1.98 -18.61 9.76
CA GLY B 179 -1.05 -19.70 10.01
C GLY B 179 0.23 -19.62 9.21
N GLU B 180 0.18 -19.05 8.01
CA GLU B 180 1.38 -18.99 7.18
C GLU B 180 2.18 -17.71 7.46
N GLU B 181 3.39 -17.67 6.92
CA GLU B 181 4.17 -16.45 7.03
C GLU B 181 3.39 -15.34 6.34
N ASN B 182 3.18 -14.23 7.04
CA ASN B 182 2.38 -13.13 6.50
C ASN B 182 3.31 -12.03 5.98
N TYR B 183 3.34 -11.89 4.66
CA TYR B 183 4.17 -10.90 4.01
C TYR B 183 3.44 -9.56 4.01
N CYS B 184 4.20 -8.45 3.91
CA CYS B 184 3.52 -7.16 3.91
C CYS B 184 2.56 -7.00 2.73
N SER B 185 2.81 -7.71 1.64
CA SER B 185 1.86 -7.75 0.53
C SER B 185 0.46 -8.12 1.00
N GLN B 186 0.36 -8.87 2.09
CA GLN B 186 -0.95 -9.29 2.59
C GLN B 186 -1.66 -8.21 3.41
N ILE B 187 -0.96 -7.12 3.75
CA ILE B 187 -1.56 -5.87 4.21
C ILE B 187 -1.91 -4.94 3.05
N LEU B 188 -1.01 -4.80 2.07
CA LEU B 188 -1.28 -3.93 0.92
C LEU B 188 -2.46 -4.42 0.11
N TYR B 189 -2.52 -5.73 -0.16
CA TYR B 189 -3.57 -6.27 -1.04
C TYR B 189 -4.99 -5.92 -0.56
N PRO B 190 -5.40 -6.17 0.69
CA PRO B 190 -6.76 -5.74 1.09
C PRO B 190 -6.93 -4.23 1.10
N CYS B 191 -5.87 -3.45 1.35
CA CYS B 191 -6.04 -2.00 1.22
C CYS B 191 -6.40 -1.63 -0.20
N MET B 192 -5.75 -2.28 -1.17
CA MET B 192 -6.04 -2.06 -2.58
C MET B 192 -7.43 -2.56 -2.95
N GLN B 193 -7.83 -3.74 -2.51
CA GLN B 193 -9.16 -4.22 -2.87
C GLN B 193 -10.26 -3.30 -2.32
N CYS B 194 -10.11 -2.87 -1.07
CA CYS B 194 -11.00 -1.85 -0.49
C CYS B 194 -11.04 -0.59 -1.35
N ALA B 195 -9.86 -0.08 -1.77
CA ALA B 195 -9.82 1.11 -2.61
C ALA B 195 -10.57 0.91 -3.93
N ASP B 196 -10.46 -0.27 -4.54
CA ASP B 196 -11.18 -0.55 -5.78
C ASP B 196 -12.67 -0.21 -5.69
N ILE B 197 -13.28 -0.55 -4.55
CA ILE B 197 -14.73 -0.34 -4.41
C ILE B 197 -15.08 1.12 -4.63
N PHE B 198 -14.23 2.01 -4.09
CA PHE B 198 -14.50 3.44 -4.22
C PHE B 198 -14.02 3.96 -5.56
N PHE B 199 -12.85 3.46 -5.99
CA PHE B 199 -12.25 3.86 -7.27
C PHE B 199 -13.20 3.59 -8.43
N LEU B 200 -13.88 2.46 -8.38
CA LEU B 200 -14.82 2.08 -9.42
C LEU B 200 -16.23 2.63 -9.18
N ASN B 201 -16.45 3.38 -8.11
CA ASN B 201 -17.76 4.01 -7.87
C ASN B 201 -18.85 2.97 -7.77
N VAL B 202 -18.52 1.85 -7.15
CA VAL B 202 -19.44 0.69 -7.09
C VAL B 202 -20.62 1.04 -6.20
N ASP B 203 -21.84 0.69 -6.65
CA ASP B 203 -23.03 0.68 -5.80
C ASP B 203 -23.21 -0.64 -5.05
N ILE B 204 -22.85 -1.76 -5.69
CA ILE B 204 -23.06 -3.10 -5.14
C ILE B 204 -21.79 -3.92 -5.34
N CYS B 205 -21.16 -4.32 -4.24
CA CYS B 205 -20.12 -5.34 -4.25
C CYS B 205 -20.79 -6.70 -4.42
N GLN B 206 -20.53 -7.39 -5.51
CA GLN B 206 -21.21 -8.65 -5.82
C GLN B 206 -20.17 -9.74 -6.01
N LEU B 207 -19.58 -10.18 -4.90
CA LEU B 207 -18.55 -11.19 -4.91
C LEU B 207 -18.98 -12.36 -4.02
N GLY B 208 -18.17 -13.43 -3.98
CA GLY B 208 -18.53 -14.53 -3.10
C GLY B 208 -18.40 -14.13 -1.64
N ILE B 209 -19.06 -14.92 -0.78
CA ILE B 209 -19.07 -14.67 0.66
C ILE B 209 -17.67 -14.77 1.28
N ASP B 210 -16.70 -15.39 0.60
CA ASP B 210 -15.33 -15.44 1.13
C ASP B 210 -14.65 -14.09 1.02
N GLN B 211 -15.16 -13.20 0.17
CA GLN B 211 -14.61 -11.85 0.06
C GLN B 211 -15.23 -10.86 1.05
N ARG B 212 -16.16 -11.32 1.90
CA ARG B 212 -17.01 -10.35 2.59
C ARG B 212 -16.24 -9.47 3.57
N LYS B 213 -15.13 -9.96 4.15
CA LYS B 213 -14.46 -9.19 5.21
C LYS B 213 -13.97 -7.84 4.67
N VAL B 214 -13.47 -7.82 3.43
CA VAL B 214 -12.96 -6.53 2.91
C VAL B 214 -14.13 -5.66 2.42
N ASN B 215 -15.27 -6.27 2.03
CA ASN B 215 -16.45 -5.47 1.75
C ASN B 215 -16.99 -4.80 3.02
N MET B 216 -16.91 -5.49 4.15
N MET B 216 -16.91 -5.50 4.16
CA MET B 216 -17.32 -4.89 5.41
CA MET B 216 -17.33 -4.88 5.41
C MET B 216 -16.35 -3.78 5.82
C MET B 216 -16.35 -3.79 5.85
N LEU B 217 -15.06 -3.99 5.57
CA LEU B 217 -14.08 -2.94 5.85
C LEU B 217 -14.40 -1.67 5.07
N ALA B 218 -14.88 -1.83 3.83
CA ALA B 218 -15.23 -0.66 3.04
C ALA B 218 -16.39 0.08 3.65
N ARG B 219 -17.39 -0.63 4.12
CA ARG B 219 -18.49 0.05 4.81
C ARG B 219 -18.00 0.75 6.05
N GLU B 220 -17.05 0.14 6.77
CA GLU B 220 -16.51 0.73 7.98
C GLU B 220 -15.74 1.99 7.65
N TYR B 221 -14.97 1.95 6.56
CA TYR B 221 -14.29 3.13 6.09
C TYR B 221 -15.28 4.27 5.82
N CYS B 222 -16.45 3.94 5.25
CA CYS B 222 -17.48 4.97 5.05
C CYS B 222 -17.88 5.63 6.35
N ASP B 223 -18.05 4.84 7.41
CA ASP B 223 -18.47 5.45 8.67
C ASP B 223 -17.36 6.30 9.22
N ILE B 224 -16.14 5.79 9.14
CA ILE B 224 -14.96 6.53 9.61
C ILE B 224 -14.90 7.90 8.93
N LYS B 225 -15.07 7.91 7.61
CA LYS B 225 -14.95 9.14 6.83
C LYS B 225 -16.26 9.91 6.71
N LYS B 226 -17.31 9.49 7.39
CA LYS B 226 -18.61 10.16 7.27
C LYS B 226 -19.03 10.23 5.80
N ILE B 227 -18.80 9.16 5.06
CA ILE B 227 -19.36 9.01 3.71
C ILE B 227 -20.74 8.36 3.83
N LYS B 228 -21.79 9.07 3.38
CA LYS B 228 -23.15 8.51 3.44
C LYS B 228 -23.41 7.47 2.34
N LYS B 229 -22.82 7.62 1.14
CA LYS B 229 -22.97 6.65 0.06
C LYS B 229 -22.17 5.39 0.38
N LYS B 230 -22.85 4.37 0.94
CA LYS B 230 -22.15 3.13 1.30
C LYS B 230 -22.48 2.05 0.30
N PRO B 231 -21.49 1.27 -0.13
CA PRO B 231 -21.78 0.14 -1.02
C PRO B 231 -22.62 -0.90 -0.31
N VAL B 232 -23.52 -1.50 -1.06
CA VAL B 232 -24.29 -2.65 -0.62
C VAL B 232 -23.46 -3.90 -0.85
N ILE B 233 -23.41 -4.81 0.14
CA ILE B 233 -22.69 -6.06 -0.08
C ILE B 233 -23.74 -7.10 -0.47
N LEU B 234 -23.71 -7.56 -1.74
CA LEU B 234 -24.62 -8.59 -2.25
C LEU B 234 -23.80 -9.85 -2.50
N SER B 235 -23.59 -10.64 -1.45
CA SER B 235 -22.69 -11.78 -1.56
C SER B 235 -23.44 -13.00 -2.11
N HIS B 236 -22.81 -13.73 -3.03
CA HIS B 236 -23.35 -15.02 -3.43
C HIS B 236 -22.65 -16.14 -2.64
N GLY B 237 -23.36 -17.27 -2.51
CA GLY B 237 -22.82 -18.38 -1.75
C GLY B 237 -21.75 -19.17 -2.50
N MET B 238 -20.98 -19.97 -1.75
CA MET B 238 -19.90 -20.76 -2.35
C MET B 238 -20.48 -21.99 -3.05
N LEU B 239 -20.18 -22.15 -4.33
CA LEU B 239 -20.54 -23.39 -5.02
C LEU B 239 -19.60 -24.47 -4.48
N PRO B 240 -20.10 -25.62 -4.04
CA PRO B 240 -19.20 -26.57 -3.37
C PRO B 240 -18.40 -27.41 -4.36
N GLY B 241 -17.32 -28.03 -3.84
CA GLY B 241 -16.55 -28.97 -4.63
C GLY B 241 -17.26 -30.32 -4.78
N LEU B 242 -16.72 -31.11 -5.71
CA LEU B 242 -17.30 -32.42 -6.04
C LEU B 242 -17.31 -33.38 -4.86
N LEU B 243 -16.29 -33.34 -4.01
CA LEU B 243 -16.12 -34.40 -3.04
C LEU B 243 -16.67 -34.01 -1.67
N GLU B 244 -17.04 -35.04 -0.89
CA GLU B 244 -17.62 -34.84 0.41
C GLU B 244 -16.75 -33.90 1.25
N GLY B 245 -17.38 -32.89 1.86
CA GLY B 245 -16.63 -31.98 2.72
C GLY B 245 -15.92 -30.84 2.02
N GLN B 246 -15.96 -30.76 0.69
CA GLN B 246 -15.36 -29.61 -0.01
C GLN B 246 -16.36 -28.49 -0.10
N GLU B 247 -16.26 -27.52 0.82
CA GLU B 247 -17.25 -26.46 0.92
C GLU B 247 -17.14 -25.47 -0.22
N LYS B 248 -15.99 -25.43 -0.88
CA LYS B 248 -15.72 -24.41 -1.88
C LYS B 248 -15.04 -25.04 -3.08
N MET B 249 -15.69 -25.02 -4.22
CA MET B 249 -15.04 -25.43 -5.46
C MET B 249 -13.85 -24.51 -5.71
N SER B 250 -12.71 -25.08 -6.08
CA SER B 250 -11.57 -24.20 -6.39
C SER B 250 -10.38 -24.97 -6.96
N LYS B 251 -9.51 -24.23 -7.66
CA LYS B 251 -8.18 -24.75 -8.02
C LYS B 251 -7.39 -25.21 -6.79
N SER B 252 -7.58 -24.55 -5.65
CA SER B 252 -6.76 -24.85 -4.47
C SER B 252 -7.08 -26.22 -3.86
N ASP B 253 -8.37 -26.59 -3.80
CA ASP B 253 -8.80 -27.88 -3.21
C ASP B 253 -8.80 -28.94 -4.30
N GLU B 254 -7.84 -29.87 -4.23
CA GLU B 254 -7.60 -30.82 -5.30
C GLU B 254 -8.84 -31.66 -5.58
N ASN B 255 -9.14 -31.84 -6.86
CA ASN B 255 -10.24 -32.69 -7.32
C ASN B 255 -11.62 -32.11 -7.03
N SER B 256 -11.71 -30.82 -6.70
CA SER B 256 -12.99 -30.25 -6.32
C SER B 256 -13.76 -29.64 -7.48
N ALA B 257 -13.12 -29.39 -8.62
CA ALA B 257 -13.65 -28.46 -9.61
C ALA B 257 -14.03 -29.14 -10.93
N ILE B 258 -15.08 -28.62 -11.54
CA ILE B 258 -15.35 -28.75 -12.97
C ILE B 258 -14.87 -27.47 -13.62
N PHE B 259 -14.09 -27.56 -14.69
CA PHE B 259 -13.54 -26.35 -15.29
C PHE B 259 -14.31 -26.00 -16.56
N MET B 260 -14.23 -24.72 -16.93
CA MET B 260 -14.92 -24.21 -18.12
C MET B 260 -14.39 -24.85 -19.39
N ASP B 261 -13.19 -25.43 -19.36
CA ASP B 261 -12.71 -26.18 -20.51
C ASP B 261 -12.82 -27.68 -20.38
N ASP B 262 -13.50 -28.20 -19.35
CA ASP B 262 -13.66 -29.66 -19.27
C ASP B 262 -14.50 -30.19 -20.41
N SER B 263 -14.10 -31.36 -20.91
CA SER B 263 -14.83 -31.98 -22.00
C SER B 263 -16.10 -32.67 -21.50
N GLU B 264 -16.95 -33.05 -22.45
CA GLU B 264 -18.18 -33.75 -22.13
C GLU B 264 -17.90 -35.02 -21.33
N SER B 265 -16.83 -35.75 -21.67
CA SER B 265 -16.41 -36.92 -20.90
C SER B 265 -15.89 -36.54 -19.52
N ASP B 266 -15.09 -35.47 -19.45
CA ASP B 266 -14.55 -34.99 -18.18
C ASP B 266 -15.67 -34.70 -17.19
N VAL B 267 -16.67 -33.95 -17.65
CA VAL B 267 -17.80 -33.60 -16.81
C VAL B 267 -18.52 -34.87 -16.35
N ASN B 268 -18.81 -35.76 -17.30
CA ASN B 268 -19.46 -37.04 -16.96
C ASN B 268 -18.63 -37.80 -15.94
N ARG B 269 -17.31 -37.85 -16.16
CA ARG B 269 -16.44 -38.58 -15.25
C ARG B 269 -16.45 -37.94 -13.86
N LYS B 270 -16.37 -36.61 -13.80
CA LYS B 270 -16.31 -35.91 -12.51
C LYS B 270 -17.63 -36.00 -11.76
N ILE B 271 -18.75 -35.89 -12.47
CA ILE B 271 -20.05 -35.95 -11.79
C ILE B 271 -20.31 -37.36 -11.26
N LYS B 272 -19.96 -38.38 -12.04
CA LYS B 272 -20.28 -39.75 -11.65
C LYS B 272 -19.78 -40.06 -10.26
N LYS B 273 -18.53 -39.69 -9.98
CA LYS B 273 -17.87 -39.98 -8.73
C LYS B 273 -17.95 -38.82 -7.74
N ALA B 274 -18.85 -37.87 -7.96
CA ALA B 274 -19.03 -36.81 -6.99
C ALA B 274 -19.82 -37.31 -5.79
N TYR B 275 -19.78 -36.55 -4.71
CA TYR B 275 -20.55 -36.92 -3.53
C TYR B 275 -22.03 -36.58 -3.76
N CYS B 276 -22.91 -37.56 -3.54
CA CYS B 276 -24.34 -37.37 -3.75
C CYS B 276 -25.09 -38.34 -2.83
N PRO B 277 -25.19 -38.00 -1.54
CA PRO B 277 -25.71 -38.96 -0.57
C PRO B 277 -27.19 -39.17 -0.83
N PRO B 278 -27.69 -40.40 -0.68
CA PRO B 278 -29.13 -40.63 -0.89
C PRO B 278 -29.96 -39.87 0.15
N ASN B 279 -31.11 -39.38 -0.28
CA ASN B 279 -32.12 -38.79 0.60
C ASN B 279 -31.67 -37.53 1.31
N VAL B 280 -30.48 -36.97 1.01
CA VAL B 280 -29.93 -35.85 1.76
C VAL B 280 -29.43 -34.77 0.82
N ILE B 281 -29.79 -33.51 1.11
CA ILE B 281 -29.32 -32.37 0.32
C ILE B 281 -28.30 -31.53 1.06
N GLU B 282 -28.23 -31.64 2.39
CA GLU B 282 -27.23 -30.92 3.14
C GLU B 282 -25.84 -31.40 2.74
N ASN B 283 -25.00 -30.46 2.37
CA ASN B 283 -23.63 -30.74 1.92
C ASN B 283 -23.60 -31.62 0.68
N ASN B 284 -24.68 -31.65 -0.12
CA ASN B 284 -24.68 -32.49 -1.33
C ASN B 284 -24.34 -31.60 -2.53
N PRO B 285 -23.13 -31.69 -3.12
CA PRO B 285 -22.80 -30.73 -4.19
C PRO B 285 -23.55 -30.99 -5.48
N ILE B 286 -23.95 -32.22 -5.77
CA ILE B 286 -24.74 -32.47 -6.98
C ILE B 286 -26.07 -31.73 -6.88
N TYR B 287 -26.73 -31.87 -5.74
CA TYR B 287 -27.95 -31.08 -5.51
C TYR B 287 -27.65 -29.58 -5.59
N ALA B 288 -26.50 -29.14 -5.06
CA ALA B 288 -26.20 -27.72 -5.10
C ALA B 288 -26.11 -27.23 -6.54
N TYR B 289 -25.52 -28.01 -7.43
CA TYR B 289 -25.40 -27.57 -8.83
C TYR B 289 -26.78 -27.46 -9.45
N ALA B 290 -27.65 -28.41 -9.12
CA ALA B 290 -29.04 -28.40 -9.58
C ALA B 290 -29.74 -27.13 -9.13
N LYS B 291 -29.60 -26.78 -7.85
CA LYS B 291 -30.27 -25.64 -7.27
C LYS B 291 -29.65 -24.30 -7.65
N SER B 292 -28.31 -24.19 -7.67
CA SER B 292 -27.71 -22.88 -7.84
C SER B 292 -27.40 -22.55 -9.30
N ILE B 293 -27.29 -23.56 -10.17
CA ILE B 293 -26.93 -23.32 -11.58
C ILE B 293 -28.04 -23.76 -12.52
N ILE B 294 -28.43 -25.03 -12.48
CA ILE B 294 -29.35 -25.52 -13.52
C ILE B 294 -30.73 -24.88 -13.38
N PHE B 295 -31.26 -24.84 -12.15
CA PHE B 295 -32.63 -24.34 -11.99
C PHE B 295 -32.75 -22.86 -12.35
N PRO B 296 -31.86 -21.97 -11.91
CA PRO B 296 -31.94 -20.57 -12.38
C PRO B 296 -31.71 -20.40 -13.88
N SER B 297 -30.97 -21.29 -14.52
CA SER B 297 -30.69 -21.15 -15.94
C SER B 297 -31.89 -21.54 -16.76
N TYR B 298 -32.55 -22.64 -16.37
CA TYR B 298 -33.66 -23.21 -17.11
C TYR B 298 -35.05 -22.85 -16.57
N ASN B 299 -35.17 -22.35 -15.34
CA ASN B 299 -36.42 -22.05 -14.66
C ASN B 299 -37.34 -23.27 -14.52
N GLU B 300 -36.81 -24.46 -14.76
CA GLU B 300 -37.44 -25.72 -14.38
C GLU B 300 -36.30 -26.73 -14.28
N PHE B 301 -36.55 -27.81 -13.53
CA PHE B 301 -35.61 -28.93 -13.55
C PHE B 301 -36.31 -30.12 -14.18
N ASN B 302 -35.87 -30.48 -15.37
CA ASN B 302 -36.53 -31.52 -16.11
C ASN B 302 -35.72 -32.78 -15.87
N LEU B 303 -36.24 -33.66 -15.02
CA LEU B 303 -35.50 -34.87 -14.66
C LEU B 303 -35.81 -35.95 -15.70
N VAL B 304 -34.82 -36.28 -16.50
CA VAL B 304 -34.98 -37.32 -17.52
C VAL B 304 -34.56 -38.67 -16.92
N ARG B 305 -35.33 -39.73 -17.19
CA ARG B 305 -34.86 -41.05 -16.77
C ARG B 305 -35.58 -42.16 -17.53
N LYS B 306 -35.06 -43.37 -17.34
CA LYS B 306 -35.63 -44.56 -17.94
C LYS B 306 -36.97 -44.87 -17.32
N GLU B 307 -37.79 -45.60 -18.09
CA GLU B 307 -39.06 -46.08 -17.60
C GLU B 307 -38.88 -47.01 -16.41
N LYS B 308 -37.94 -47.96 -16.51
CA LYS B 308 -37.47 -48.74 -15.36
C LYS B 308 -37.38 -47.96 -14.04
N ASN B 309 -36.99 -46.68 -14.07
CA ASN B 309 -36.81 -45.91 -12.83
C ASN B 309 -37.81 -44.78 -12.65
N GLY B 310 -38.94 -44.82 -13.33
CA GLY B 310 -39.99 -43.83 -13.16
C GLY B 310 -40.21 -42.88 -14.33
N GLY B 311 -39.47 -43.02 -15.45
CA GLY B 311 -39.65 -42.14 -16.60
C GLY B 311 -39.20 -40.70 -16.33
N ASP B 312 -39.47 -39.78 -17.27
CA ASP B 312 -39.11 -38.35 -17.09
C ASP B 312 -40.12 -37.67 -16.17
N LYS B 313 -39.68 -36.60 -15.49
CA LYS B 313 -40.56 -35.72 -14.72
C LYS B 313 -39.97 -34.32 -14.63
N THR B 314 -40.85 -33.31 -14.76
CA THR B 314 -40.45 -31.92 -14.71
C THR B 314 -40.75 -31.35 -13.33
N TYR B 315 -39.75 -30.70 -12.73
CA TYR B 315 -39.88 -29.98 -11.46
C TYR B 315 -40.00 -28.49 -11.78
N TYR B 316 -41.19 -27.93 -11.51
CA TYR B 316 -41.41 -26.50 -11.74
C TYR B 316 -40.99 -25.65 -10.57
N THR B 317 -40.71 -26.24 -9.41
CA THR B 317 -40.21 -25.47 -8.28
C THR B 317 -39.09 -26.25 -7.57
N LEU B 318 -38.28 -25.52 -6.81
CA LEU B 318 -37.21 -26.14 -6.02
C LEU B 318 -37.75 -27.00 -4.88
N GLN B 319 -38.87 -26.58 -4.29
CA GLN B 319 -39.50 -27.38 -3.24
C GLN B 319 -39.93 -28.75 -3.77
N GLU B 320 -40.51 -28.79 -4.97
CA GLU B 320 -40.86 -30.07 -5.58
C GLU B 320 -39.63 -30.97 -5.69
N LEU B 321 -38.54 -30.40 -6.17
CA LEU B 321 -37.33 -31.16 -6.41
C LEU B 321 -36.77 -31.72 -5.11
N GLU B 322 -36.69 -30.86 -4.10
CA GLU B 322 -36.17 -31.29 -2.81
C GLU B 322 -37.01 -32.43 -2.26
N HIS B 323 -38.33 -32.27 -2.31
CA HIS B 323 -39.24 -33.25 -1.76
C HIS B 323 -38.97 -34.63 -2.34
N ASP B 324 -38.92 -34.72 -3.67
CA ASP B 324 -38.68 -36.00 -4.33
C ASP B 324 -37.27 -36.54 -4.13
N TYR B 325 -36.30 -35.69 -3.77
CA TYR B 325 -34.95 -36.19 -3.49
C TYR B 325 -34.89 -36.86 -2.12
N VAL B 326 -35.30 -36.15 -1.07
CA VAL B 326 -35.18 -36.65 0.30
C VAL B 326 -36.01 -37.90 0.55
N ASN B 327 -37.06 -38.13 -0.23
CA ASN B 327 -37.93 -39.29 -0.05
C ASN B 327 -37.53 -40.44 -0.98
N GLY B 328 -36.36 -40.36 -1.60
CA GLY B 328 -35.92 -41.45 -2.43
C GLY B 328 -36.69 -41.57 -3.72
N PHE B 329 -37.58 -40.63 -4.00
CA PHE B 329 -38.26 -40.65 -5.27
C PHE B 329 -37.29 -40.41 -6.42
N ILE B 330 -36.25 -39.59 -6.17
CA ILE B 330 -35.16 -39.37 -7.10
C ILE B 330 -33.93 -40.13 -6.60
N HIS B 331 -33.49 -41.11 -7.38
CA HIS B 331 -32.28 -41.83 -7.03
C HIS B 331 -31.08 -40.94 -7.27
N PRO B 332 -29.99 -41.14 -6.52
CA PRO B 332 -28.77 -40.33 -6.75
C PRO B 332 -28.28 -40.39 -8.18
N LEU B 333 -28.26 -41.58 -8.78
CA LEU B 333 -27.75 -41.73 -10.13
C LEU B 333 -28.57 -40.94 -11.14
N ASP B 334 -29.91 -40.94 -11.00
CA ASP B 334 -30.74 -40.06 -11.82
C ASP B 334 -30.41 -38.58 -11.60
N LEU B 335 -30.22 -38.15 -10.35
CA LEU B 335 -29.83 -36.77 -10.12
C LEU B 335 -28.48 -36.45 -10.76
N LYS B 336 -27.48 -37.35 -10.56
CA LYS B 336 -26.15 -37.13 -11.13
C LYS B 336 -26.21 -37.08 -12.65
N ASP B 337 -26.96 -38.00 -13.27
CA ASP B 337 -27.01 -38.08 -14.72
C ASP B 337 -27.58 -36.82 -15.34
N ASN B 338 -28.65 -36.29 -14.77
CA ASN B 338 -29.23 -35.06 -15.31
C ASN B 338 -28.33 -33.86 -15.04
N VAL B 339 -27.78 -33.77 -13.84
CA VAL B 339 -26.85 -32.65 -13.56
C VAL B 339 -25.69 -32.64 -14.55
N ALA B 340 -25.10 -33.80 -14.83
CA ALA B 340 -24.04 -33.87 -15.84
C ALA B 340 -24.53 -33.35 -17.20
N MET B 341 -25.72 -33.78 -17.61
CA MET B 341 -26.20 -33.40 -18.94
C MET B 341 -26.46 -31.91 -19.02
N TYR B 342 -27.00 -31.31 -17.96
CA TYR B 342 -27.29 -29.89 -18.04
C TYR B 342 -26.00 -29.08 -17.96
N ILE B 343 -25.02 -29.50 -17.15
N ILE B 343 -25.02 -29.50 -17.16
CA ILE B 343 -23.76 -28.75 -17.13
CA ILE B 343 -23.75 -28.75 -17.13
C ILE B 343 -23.10 -28.82 -18.49
C ILE B 343 -23.10 -28.81 -18.49
N ASN B 344 -23.21 -29.98 -19.15
CA ASN B 344 -22.62 -30.12 -20.49
C ASN B 344 -23.32 -29.22 -21.47
N LYS B 345 -24.64 -29.14 -21.42
CA LYS B 345 -25.36 -28.23 -22.30
C LYS B 345 -24.99 -26.78 -22.03
N LEU B 346 -24.83 -26.41 -20.75
CA LEU B 346 -24.51 -25.03 -20.46
C LEU B 346 -23.09 -24.68 -20.92
N LEU B 347 -22.19 -25.64 -20.93
CA LEU B 347 -20.83 -25.47 -21.43
C LEU B 347 -20.71 -25.54 -22.94
N GLN B 348 -21.76 -25.98 -23.66
CA GLN B 348 -21.66 -26.08 -25.12
C GLN B 348 -21.27 -24.78 -25.82
N PRO B 349 -21.82 -23.62 -25.50
CA PRO B 349 -21.41 -22.41 -26.23
C PRO B 349 -19.95 -22.06 -26.01
N VAL B 350 -19.41 -22.34 -24.81
CA VAL B 350 -18.00 -22.12 -24.54
C VAL B 350 -17.14 -23.09 -25.36
N ARG B 351 -17.55 -24.36 -25.41
CA ARG B 351 -16.85 -25.35 -26.21
C ARG B 351 -16.82 -24.97 -27.68
N ASP B 352 -17.99 -24.65 -28.24
CA ASP B 352 -18.07 -24.22 -29.63
C ASP B 352 -17.07 -23.09 -29.91
N HIS B 353 -17.06 -22.08 -29.03
CA HIS B 353 -16.19 -20.92 -29.26
C HIS B 353 -14.72 -21.35 -29.31
N PHE B 354 -14.29 -22.21 -28.39
CA PHE B 354 -12.89 -22.63 -28.40
C PHE B 354 -12.59 -23.71 -29.41
N GLN B 355 -13.60 -24.28 -30.07
CA GLN B 355 -13.31 -25.14 -31.21
C GLN B 355 -13.33 -24.39 -32.52
N ASN B 356 -14.19 -23.38 -32.67
CA ASN B 356 -14.38 -22.74 -33.97
C ASN B 356 -13.50 -21.53 -34.17
N ASN B 357 -13.08 -20.92 -33.09
CA ASN B 357 -12.28 -19.71 -33.14
C ASN B 357 -10.82 -20.14 -32.89
N ILE B 358 -9.99 -20.08 -33.94
CA ILE B 358 -8.66 -20.65 -33.82
C ILE B 358 -7.77 -19.79 -32.94
N GLU B 359 -7.98 -18.48 -32.88
CA GLU B 359 -7.21 -17.67 -31.94
C GLU B 359 -7.49 -18.06 -30.50
N ALA B 360 -8.77 -18.29 -30.19
CA ALA B 360 -9.13 -18.62 -28.82
C ALA B 360 -8.63 -20.02 -28.47
N LYS B 361 -8.77 -20.95 -29.43
CA LYS B 361 -8.26 -22.30 -29.22
C LYS B 361 -6.78 -22.25 -28.87
N ASN B 362 -6.02 -21.45 -29.64
N ASN B 362 -6.02 -21.42 -29.55
CA ASN B 362 -4.61 -21.18 -29.39
CA ASN B 362 -4.61 -21.44 -29.24
C ASN B 362 -4.37 -20.73 -27.96
C ASN B 362 -4.26 -20.62 -27.99
N LEU B 363 -5.14 -19.73 -27.55
CA LEU B 363 -4.95 -19.13 -26.24
C LEU B 363 -5.20 -20.15 -25.13
N LEU B 364 -6.28 -20.94 -25.26
CA LEU B 364 -6.50 -22.02 -24.30
C LEU B 364 -5.32 -22.97 -24.28
N ASN B 365 -4.78 -23.31 -25.47
CA ASN B 365 -3.61 -24.17 -25.54
C ASN B 365 -2.44 -23.58 -24.77
N GLU B 366 -2.19 -22.27 -24.94
CA GLU B 366 -1.08 -21.62 -24.24
C GLU B 366 -1.28 -21.66 -22.73
N ILE B 367 -2.43 -21.19 -22.23
CA ILE B 367 -2.60 -21.11 -20.79
C ILE B 367 -2.63 -22.48 -20.11
N LYS B 368 -2.98 -23.56 -20.82
CA LYS B 368 -2.92 -24.87 -20.18
C LYS B 368 -1.50 -25.39 -20.04
N LYS B 369 -0.56 -24.86 -20.81
CA LYS B 369 0.83 -25.17 -20.54
C LYS B 369 1.39 -24.49 -19.29
N TYR B 370 0.62 -23.70 -18.53
CA TYR B 370 1.19 -23.01 -17.37
C TYR B 370 1.12 -23.84 -16.09
N LYS B 371 1.86 -23.34 -15.09
CA LYS B 371 2.04 -23.96 -13.78
C LYS B 371 1.27 -23.15 -12.75
N VAL B 372 0.35 -23.80 -12.03
CA VAL B 372 -0.57 -23.11 -11.12
C VAL B 372 0.15 -22.87 -9.80
N THR B 373 0.68 -21.66 -9.60
CA THR B 373 1.41 -21.24 -8.41
C THR B 373 0.49 -20.60 -7.39
N LYS B 374 0.79 -20.84 -6.10
CA LYS B 374 0.04 -20.21 -5.00
C LYS B 374 0.89 -19.19 -4.22
#